data_4DPU
#
_entry.id   4DPU
#
_cell.length_a   82.732
_cell.length_b   103.140
_cell.length_c   156.749
_cell.angle_alpha   90.000
_cell.angle_beta   90.000
_cell.angle_gamma   90.000
#
_symmetry.space_group_name_H-M   'C 2 2 21'
#
loop_
_entity.id
_entity.type
_entity.pdbx_description
1 polymer 'Mevalonate diphosphate decarboxylase'
2 non-polymer '(3R)-3-(fluoromethyl)-3-hydroxy-5-{[(S)-hydroxy(phosphonooxy)phosphoryl]oxy}pentanoic acid'
3 non-polymer 'PHOSPHOTHIOPHOSPHORIC ACID-ADENYLATE ESTER'
4 water water
#
_entity_poly.entity_id   1
_entity_poly.type   'polypeptide(L)'
_entity_poly.pdbx_seq_one_letter_code
;GSTGSMVKSGKARAHTNIALIKYWGKADETYIIPMNNSLSVTLDRFYTETKVTFDPDFTEDCLILNGNEVNAKEKEKIQN
YMNIVRDLAGNRLHARIESENYVPTAAGLASSASAYAALAAACNEALSLNLSDTDLSRLARRGSGSASRSIFGGFAEWEK
GHDDLTSYAHGINSNGWEKDLSMIFVVINNQSKKVSARSGMSLTRDTSRFYQYWLDHVDEDLNEAKEAVKNQDFQRLGEV
IEANGLRMHATNLGAQPPFTYLVQESYDAMAIVEQCRKANLPCYFTMDAGPNVKVLVEKKNKQAVMEQFLKVFDESKIIA
SDIISSGVEIIK
;
_entity_poly.pdbx_strand_id   A,B
#
loop_
_chem_comp.id
_chem_comp.type
_chem_comp.name
_chem_comp.formula
AGS non-polymer 'PHOSPHOTHIOPHOSPHORIC ACID-ADENYLATE ESTER' 'C10 H16 N5 O12 P3 S'
FM0 non-polymer '(3R)-3-(fluoromethyl)-3-hydroxy-5-{[(S)-hydroxy(phosphonooxy)phosphoryl]oxy}pentanoic acid' 'C6 H13 F O10 P2'
#
# COMPACT_ATOMS: atom_id res chain seq x y z
N THR A 3 -12.87 -22.10 -18.23
CA THR A 3 -14.09 -22.02 -19.04
C THR A 3 -14.12 -23.07 -20.15
N GLY A 4 -12.95 -23.43 -20.67
CA GLY A 4 -12.84 -24.49 -21.67
C GLY A 4 -12.90 -25.87 -21.04
N SER A 5 -13.16 -26.90 -21.85
CA SER A 5 -13.17 -28.27 -21.34
C SER A 5 -11.73 -28.76 -21.11
N MET A 6 -11.56 -29.65 -20.13
CA MET A 6 -10.23 -30.11 -19.71
C MET A 6 -9.52 -29.09 -18.81
N VAL A 7 -10.11 -27.91 -18.68
CA VAL A 7 -9.51 -26.86 -17.86
C VAL A 7 -10.21 -26.74 -16.51
N LYS A 8 -9.44 -26.85 -15.44
CA LYS A 8 -10.00 -26.87 -14.09
C LYS A 8 -9.55 -25.62 -13.34
N SER A 9 -10.50 -24.83 -12.85
CA SER A 9 -10.12 -23.64 -12.12
C SER A 9 -10.96 -23.47 -10.87
N GLY A 10 -10.44 -22.65 -9.95
CA GLY A 10 -11.14 -22.39 -8.72
C GLY A 10 -10.56 -21.09 -8.19
N LYS A 11 -11.39 -20.36 -7.47
CA LYS A 11 -10.97 -19.09 -6.90
C LYS A 11 -11.44 -19.02 -5.48
N ALA A 12 -10.58 -18.51 -4.60
CA ALA A 12 -10.94 -18.40 -3.19
C ALA A 12 -10.51 -17.08 -2.60
N ARG A 13 -11.23 -16.66 -1.56
CA ARG A 13 -10.89 -15.49 -0.77
C ARG A 13 -10.62 -15.94 0.66
N ALA A 14 -9.46 -15.58 1.20
CA ALA A 14 -9.08 -15.95 2.56
C ALA A 14 -8.61 -14.70 3.28
N HIS A 15 -9.00 -14.56 4.54
CA HIS A 15 -8.71 -13.36 5.29
C HIS A 15 -7.43 -13.50 6.13
N THR A 16 -6.74 -12.38 6.36
CA THR A 16 -5.55 -12.44 7.18
C THR A 16 -5.97 -12.73 8.61
N ASN A 17 -5.00 -13.13 9.43
CA ASN A 17 -5.25 -13.32 10.85
C ASN A 17 -4.05 -12.82 11.65
N ILE A 18 -4.30 -12.41 12.89
CA ILE A 18 -3.26 -11.88 13.75
C ILE A 18 -3.16 -12.75 14.99
N ALA A 19 -1.96 -13.18 15.31
CA ALA A 19 -1.75 -14.08 16.44
C ALA A 19 -1.82 -13.30 17.74
N LEU A 20 -2.66 -13.78 18.65
CA LEU A 20 -2.73 -13.24 20.01
C LEU A 20 -1.79 -14.00 20.95
N ILE A 21 -1.71 -15.31 20.78
CA ILE A 21 -0.65 -16.10 21.37
C ILE A 21 0.26 -16.55 20.23
N LYS A 22 1.54 -16.21 20.31
CA LYS A 22 2.41 -16.26 19.13
C LYS A 22 2.93 -17.64 18.76
N TYR A 23 2.97 -17.87 17.46
CA TYR A 23 3.82 -18.91 16.87
C TYR A 23 5.19 -18.28 16.67
N TRP A 24 6.23 -18.85 17.27
CA TRP A 24 7.57 -18.30 17.14
C TRP A 24 8.60 -19.40 17.31
N GLY A 25 9.05 -19.95 16.18
CA GLY A 25 10.05 -21.00 16.15
C GLY A 25 9.46 -22.33 15.66
N LYS A 26 10.17 -23.00 14.77
CA LYS A 26 9.71 -24.27 14.17
C LYS A 26 10.43 -25.47 14.78
N ALA A 27 9.69 -26.54 15.04
CA ALA A 27 10.31 -27.80 15.40
C ALA A 27 10.83 -28.49 14.13
N ASP A 28 10.13 -28.28 13.02
CA ASP A 28 10.50 -28.90 11.74
C ASP A 28 10.44 -27.85 10.66
N GLU A 29 11.60 -27.48 10.11
CA GLU A 29 11.67 -26.36 9.16
C GLU A 29 11.11 -26.71 7.80
N THR A 30 11.26 -27.97 7.42
CA THR A 30 10.80 -28.40 6.10
C THR A 30 9.27 -28.55 6.00
N TYR A 31 8.65 -29.19 6.99
CA TYR A 31 7.20 -29.35 7.00
C TYR A 31 6.45 -28.20 7.70
N ILE A 32 7.19 -27.29 8.31
CA ILE A 32 6.59 -26.20 9.10
C ILE A 32 5.74 -26.73 10.25
N ILE A 33 6.40 -27.35 11.22
CA ILE A 33 5.76 -27.80 12.45
C ILE A 33 6.25 -26.87 13.56
N PRO A 34 5.35 -26.31 14.37
CA PRO A 34 5.80 -25.25 15.27
C PRO A 34 6.27 -25.79 16.63
N MET A 35 7.04 -24.99 17.38
CA MET A 35 7.50 -25.39 18.71
C MET A 35 6.37 -25.30 19.73
N ASN A 36 5.34 -24.53 19.41
CA ASN A 36 4.23 -24.34 20.34
C ASN A 36 2.95 -24.01 19.61
N ASN A 37 1.83 -24.19 20.31
CA ASN A 37 0.51 -23.87 19.80
C ASN A 37 0.32 -22.37 19.69
N SER A 38 -0.59 -21.94 18.83
CA SER A 38 -0.86 -20.52 18.69
C SER A 38 -2.36 -20.24 18.57
N LEU A 39 -2.72 -19.00 18.85
CA LEU A 39 -4.11 -18.61 18.92
C LEU A 39 -4.26 -17.28 18.18
N SER A 40 -5.20 -17.21 17.24
CA SER A 40 -5.32 -16.02 16.41
C SER A 40 -6.76 -15.56 16.20
N VAL A 41 -6.90 -14.36 15.66
CA VAL A 41 -8.19 -13.83 15.26
C VAL A 41 -8.12 -13.45 13.78
N THR A 42 -9.18 -13.78 13.04
CA THR A 42 -9.23 -13.54 11.61
C THR A 42 -9.93 -12.23 11.30
N LEU A 43 -9.27 -11.40 10.51
CA LEU A 43 -9.71 -10.02 10.27
C LEU A 43 -10.61 -9.87 9.06
N ASP A 44 -11.66 -9.08 9.22
CA ASP A 44 -12.62 -8.83 8.17
C ASP A 44 -12.10 -7.97 7.01
N ARG A 45 -11.23 -7.01 7.32
CA ARG A 45 -10.88 -5.97 6.34
C ARG A 45 -9.82 -6.39 5.33
N PHE A 46 -8.96 -7.34 5.71
CA PHE A 46 -7.76 -7.64 4.93
C PHE A 46 -7.80 -9.08 4.46
N TYR A 47 -7.51 -9.30 3.18
CA TYR A 47 -7.68 -10.62 2.58
C TYR A 47 -6.94 -10.75 1.26
N THR A 48 -6.88 -11.97 0.77
CA THR A 48 -6.24 -12.27 -0.51
C THR A 48 -7.28 -13.02 -1.34
N GLU A 49 -7.38 -12.69 -2.61
CA GLU A 49 -8.20 -13.51 -3.50
C GLU A 49 -7.27 -14.20 -4.50
N THR A 50 -7.43 -15.51 -4.64
CA THR A 50 -6.52 -16.26 -5.50
C THR A 50 -7.26 -17.21 -6.41
N LYS A 51 -6.99 -17.09 -7.71
CA LYS A 51 -7.54 -18.01 -8.70
C LYS A 51 -6.41 -18.88 -9.23
N VAL A 52 -6.68 -20.18 -9.38
CA VAL A 52 -5.73 -21.08 -10.01
C VAL A 52 -6.44 -21.77 -11.15
N THR A 53 -5.71 -22.00 -12.23
CA THR A 53 -6.26 -22.64 -13.41
C THR A 53 -5.26 -23.71 -13.80
N PHE A 54 -5.70 -24.97 -13.74
CA PHE A 54 -4.91 -26.09 -14.25
C PHE A 54 -5.34 -26.40 -15.67
N ASP A 55 -4.33 -26.55 -16.53
CA ASP A 55 -4.51 -26.80 -17.95
C ASP A 55 -3.41 -27.75 -18.40
N PRO A 56 -3.79 -28.89 -18.99
CA PRO A 56 -2.82 -29.92 -19.38
C PRO A 56 -1.71 -29.35 -20.28
N ASP A 57 -2.00 -28.23 -20.93
CA ASP A 57 -1.07 -27.61 -21.88
C ASP A 57 -0.01 -26.72 -21.23
N PHE A 58 -0.21 -26.36 -19.95
CA PHE A 58 0.80 -25.62 -19.20
C PHE A 58 2.00 -26.51 -18.88
N THR A 59 3.20 -25.95 -18.99
CA THR A 59 4.42 -26.73 -18.80
C THR A 59 5.14 -26.37 -17.52
N GLU A 60 4.73 -25.25 -16.93
CA GLU A 60 5.25 -24.83 -15.64
C GLU A 60 4.20 -23.96 -14.96
N ASP A 61 4.36 -23.77 -13.66
CA ASP A 61 3.45 -22.91 -12.90
C ASP A 61 3.87 -21.45 -13.03
N CYS A 62 2.87 -20.58 -12.99
CA CYS A 62 3.07 -19.16 -13.21
C CYS A 62 2.27 -18.41 -12.15
N LEU A 63 2.90 -17.47 -11.45
CA LEU A 63 2.16 -16.63 -10.51
C LEU A 63 2.13 -15.17 -10.98
N ILE A 64 0.92 -14.63 -11.10
CA ILE A 64 0.75 -13.22 -11.40
C ILE A 64 0.17 -12.59 -10.16
N LEU A 65 0.93 -11.69 -9.55
CA LEU A 65 0.54 -11.15 -8.24
C LEU A 65 0.21 -9.67 -8.38
N ASN A 66 -0.99 -9.30 -7.97
CA ASN A 66 -1.45 -7.92 -8.08
C ASN A 66 -1.19 -7.40 -9.48
N GLY A 67 -1.44 -8.23 -10.48
CA GLY A 67 -1.37 -7.84 -11.87
C GLY A 67 0.01 -7.89 -12.50
N ASN A 68 1.03 -8.27 -11.73
CA ASN A 68 2.40 -8.33 -12.23
C ASN A 68 3.08 -9.69 -12.05
N GLU A 69 3.97 -10.04 -12.97
CA GLU A 69 4.76 -11.25 -12.84
C GLU A 69 5.68 -11.11 -11.62
N VAL A 70 5.95 -12.23 -10.96
CA VAL A 70 6.84 -12.25 -9.82
C VAL A 70 8.26 -12.56 -10.30
N ASN A 71 9.24 -12.39 -9.43
CA ASN A 71 10.63 -12.67 -9.80
C ASN A 71 10.96 -14.17 -9.83
N ALA A 72 12.16 -14.50 -10.31
CA ALA A 72 12.57 -15.90 -10.45
C ALA A 72 12.56 -16.61 -9.10
N LYS A 73 12.86 -15.87 -8.04
CA LYS A 73 12.88 -16.40 -6.69
C LYS A 73 11.49 -16.85 -6.27
N GLU A 74 10.52 -15.95 -6.39
CA GLU A 74 9.13 -16.24 -6.05
C GLU A 74 8.57 -17.33 -6.98
N LYS A 75 9.00 -17.30 -8.23
CA LYS A 75 8.57 -18.29 -9.21
C LYS A 75 8.97 -19.69 -8.74
N GLU A 76 10.20 -19.82 -8.25
CA GLU A 76 10.71 -21.10 -7.76
C GLU A 76 9.94 -21.55 -6.51
N LYS A 77 9.76 -20.62 -5.56
CA LYS A 77 8.97 -20.89 -4.37
C LYS A 77 7.56 -21.40 -4.70
N ILE A 78 6.88 -20.75 -5.62
CA ILE A 78 5.53 -21.17 -5.96
C ILE A 78 5.53 -22.52 -6.68
N GLN A 79 6.55 -22.79 -7.48
CA GLN A 79 6.62 -24.07 -8.19
C GLN A 79 6.84 -25.25 -7.23
N ASN A 80 7.66 -25.04 -6.21
CA ASN A 80 7.88 -26.06 -5.19
C ASN A 80 6.62 -26.31 -4.37
N TYR A 81 5.88 -25.24 -4.06
CA TYR A 81 4.62 -25.43 -3.35
C TYR A 81 3.61 -26.21 -4.20
N MET A 82 3.52 -25.89 -5.49
CA MET A 82 2.58 -26.59 -6.36
C MET A 82 2.92 -28.08 -6.51
N ASN A 83 4.19 -28.42 -6.39
CA ASN A 83 4.60 -29.83 -6.37
C ASN A 83 3.89 -30.60 -5.27
N ILE A 84 3.77 -29.96 -4.12
CA ILE A 84 3.03 -30.54 -3.01
C ILE A 84 1.59 -30.77 -3.41
N VAL A 85 1.00 -29.78 -4.07
CA VAL A 85 -0.38 -29.89 -4.51
C VAL A 85 -0.58 -31.03 -5.53
N ARG A 86 0.35 -31.15 -6.47
CA ARG A 86 0.28 -32.21 -7.48
C ARG A 86 0.39 -33.60 -6.87
N ASP A 87 1.26 -33.72 -5.86
CA ASP A 87 1.41 -34.99 -5.13
C ASP A 87 0.13 -35.38 -4.43
N LEU A 88 -0.47 -34.42 -3.75
CA LEU A 88 -1.74 -34.63 -3.08
C LEU A 88 -2.85 -35.02 -4.07
N ALA A 89 -2.90 -34.33 -5.22
CA ALA A 89 -3.95 -34.59 -6.19
C ALA A 89 -3.70 -35.84 -7.03
N GLY A 90 -2.45 -36.29 -7.08
CA GLY A 90 -2.09 -37.42 -7.92
C GLY A 90 -2.14 -37.08 -9.39
N ASN A 91 -1.64 -35.90 -9.76
CA ASN A 91 -1.63 -35.50 -11.17
C ASN A 91 -0.36 -34.73 -11.51
N ARG A 92 -0.23 -34.28 -12.75
CA ARG A 92 1.00 -33.63 -13.18
C ARG A 92 0.71 -32.26 -13.81
N LEU A 93 -0.47 -31.73 -13.53
CA LEU A 93 -0.89 -30.47 -14.16
C LEU A 93 -0.21 -29.29 -13.49
N HIS A 94 0.28 -28.36 -14.31
CA HIS A 94 0.81 -27.10 -13.81
C HIS A 94 -0.29 -26.05 -13.83
N ALA A 95 -0.10 -24.98 -13.07
CA ALA A 95 -1.17 -24.02 -12.86
C ALA A 95 -0.74 -22.60 -13.21
N ARG A 96 -1.68 -21.82 -13.71
CA ARG A 96 -1.52 -20.38 -13.77
C ARG A 96 -2.24 -19.83 -12.54
N ILE A 97 -1.51 -19.09 -11.71
CA ILE A 97 -2.09 -18.57 -10.47
C ILE A 97 -2.19 -17.06 -10.59
N GLU A 98 -3.38 -16.53 -10.41
CA GLU A 98 -3.57 -15.08 -10.43
C GLU A 98 -4.10 -14.68 -9.07
N SER A 99 -3.32 -13.89 -8.35
CA SER A 99 -3.66 -13.53 -6.97
C SER A 99 -3.60 -12.03 -6.77
N GLU A 100 -4.50 -11.50 -5.95
CA GLU A 100 -4.49 -10.10 -5.57
C GLU A 100 -4.52 -10.00 -4.04
N ASN A 101 -3.59 -9.25 -3.45
CA ASN A 101 -3.59 -9.05 -2.00
C ASN A 101 -4.37 -7.80 -1.67
N TYR A 102 -5.45 -7.96 -0.93
CA TYR A 102 -6.20 -6.81 -0.44
C TYR A 102 -5.76 -6.57 1.00
N VAL A 103 -4.47 -6.32 1.13
CA VAL A 103 -3.80 -6.17 2.41
C VAL A 103 -2.79 -5.06 2.22
N PRO A 104 -2.76 -4.08 3.12
CA PRO A 104 -1.83 -2.95 3.00
C PRO A 104 -0.39 -3.40 3.22
N THR A 105 0.21 -4.07 2.23
CA THR A 105 1.54 -4.64 2.42
C THR A 105 2.63 -3.57 2.43
N ALA A 106 2.39 -2.45 1.76
CA ALA A 106 3.33 -1.34 1.79
C ALA A 106 3.38 -0.75 3.20
N ALA A 107 2.29 -0.90 3.94
CA ALA A 107 2.21 -0.42 5.32
C ALA A 107 2.73 -1.47 6.30
N GLY A 108 3.28 -2.55 5.76
CA GLY A 108 3.94 -3.55 6.58
C GLY A 108 3.06 -4.70 7.05
N LEU A 109 1.79 -4.73 6.67
CA LEU A 109 0.95 -5.86 7.09
C LEU A 109 1.38 -7.11 6.32
N ALA A 110 1.34 -8.26 6.99
CA ALA A 110 1.77 -9.52 6.41
C ALA A 110 0.71 -10.11 5.49
N SER A 111 1.14 -10.74 4.40
CA SER A 111 0.20 -11.33 3.44
C SER A 111 0.31 -12.85 3.31
N SER A 112 1.31 -13.47 3.94
CA SER A 112 1.53 -14.90 3.71
C SER A 112 0.41 -15.79 4.26
N ALA A 113 -0.22 -15.39 5.37
CA ALA A 113 -1.29 -16.20 5.94
C ALA A 113 -2.49 -16.26 5.01
N SER A 114 -2.96 -15.10 4.57
CA SER A 114 -4.10 -15.10 3.66
C SER A 114 -3.71 -15.70 2.32
N ALA A 115 -2.47 -15.50 1.92
CA ALA A 115 -2.04 -15.95 0.59
C ALA A 115 -2.08 -17.46 0.45
N TYR A 116 -1.50 -18.16 1.43
CA TYR A 116 -1.46 -19.61 1.37
C TYR A 116 -2.76 -20.32 1.73
N ALA A 117 -3.56 -19.70 2.59
CA ALA A 117 -4.92 -20.19 2.83
C ALA A 117 -5.78 -20.09 1.57
N ALA A 118 -5.69 -18.94 0.88
CA ALA A 118 -6.43 -18.75 -0.37
C ALA A 118 -6.03 -19.75 -1.43
N LEU A 119 -4.73 -19.92 -1.62
CA LEU A 119 -4.21 -20.81 -2.63
C LEU A 119 -4.62 -22.27 -2.38
N ALA A 120 -4.52 -22.71 -1.12
CA ALA A 120 -4.92 -24.08 -0.79
C ALA A 120 -6.41 -24.30 -1.08
N ALA A 121 -7.25 -23.37 -0.64
CA ALA A 121 -8.68 -23.46 -0.93
C ALA A 121 -8.97 -23.40 -2.43
N ALA A 122 -8.21 -22.59 -3.16
CA ALA A 122 -8.48 -22.46 -4.60
C ALA A 122 -8.15 -23.76 -5.31
N CYS A 123 -7.00 -24.34 -4.97
CA CYS A 123 -6.58 -25.63 -5.50
C CYS A 123 -7.58 -26.73 -5.17
N ASN A 124 -8.05 -26.74 -3.93
CA ASN A 124 -9.03 -27.73 -3.50
C ASN A 124 -10.29 -27.68 -4.39
N GLU A 125 -10.74 -26.46 -4.66
CA GLU A 125 -11.92 -26.23 -5.47
C GLU A 125 -11.62 -26.62 -6.91
N ALA A 126 -10.48 -26.17 -7.44
CA ALA A 126 -10.16 -26.43 -8.83
C ALA A 126 -10.11 -27.92 -9.13
N LEU A 127 -9.46 -28.68 -8.25
CA LEU A 127 -9.22 -30.10 -8.51
C LEU A 127 -10.25 -31.03 -7.85
N SER A 128 -11.25 -30.44 -7.18
CA SER A 128 -12.29 -31.22 -6.53
C SER A 128 -11.68 -32.24 -5.56
N LEU A 129 -10.74 -31.77 -4.74
CA LEU A 129 -10.03 -32.67 -3.81
C LEU A 129 -10.90 -33.05 -2.61
N ASN A 130 -11.97 -32.28 -2.39
CA ASN A 130 -12.88 -32.54 -1.27
C ASN A 130 -12.19 -32.57 0.08
N LEU A 131 -11.18 -31.72 0.24
CA LEU A 131 -10.41 -31.71 1.49
C LEU A 131 -11.25 -31.21 2.66
N SER A 132 -11.08 -31.84 3.81
CA SER A 132 -11.68 -31.32 5.04
C SER A 132 -10.97 -30.02 5.41
N ASP A 133 -11.59 -29.21 6.28
CA ASP A 133 -10.94 -27.99 6.77
C ASP A 133 -9.61 -28.35 7.46
N THR A 134 -9.57 -29.50 8.12
CA THR A 134 -8.32 -30.00 8.67
C THR A 134 -7.23 -30.18 7.63
N ASP A 135 -7.57 -30.82 6.51
CA ASP A 135 -6.56 -31.06 5.49
C ASP A 135 -6.28 -29.78 4.69
N LEU A 136 -7.23 -28.85 4.64
CA LEU A 136 -6.96 -27.57 4.02
C LEU A 136 -5.95 -26.83 4.87
N SER A 137 -6.15 -26.90 6.19
CA SER A 137 -5.23 -26.25 7.14
C SER A 137 -3.82 -26.82 7.02
N ARG A 138 -3.72 -28.15 6.91
CA ARG A 138 -2.42 -28.81 6.74
C ARG A 138 -1.74 -28.40 5.44
N LEU A 139 -2.53 -28.30 4.38
CA LEU A 139 -1.98 -27.91 3.08
C LEU A 139 -1.48 -26.47 3.15
N ALA A 140 -2.29 -25.57 3.70
CA ALA A 140 -1.89 -24.17 3.81
C ALA A 140 -0.64 -24.04 4.67
N ARG A 141 -0.57 -24.84 5.74
CA ARG A 141 0.54 -24.82 6.68
C ARG A 141 1.87 -25.02 5.98
N ARG A 142 1.87 -25.87 4.96
CA ARG A 142 3.11 -26.19 4.26
C ARG A 142 3.69 -24.99 3.56
N GLY A 143 2.86 -24.00 3.29
CA GLY A 143 3.33 -22.80 2.59
C GLY A 143 3.79 -21.72 3.58
N SER A 144 3.00 -21.53 4.63
CA SER A 144 3.35 -20.60 5.70
C SER A 144 2.58 -21.00 6.97
N GLY A 145 3.30 -21.06 8.09
CA GLY A 145 2.70 -21.57 9.32
C GLY A 145 1.43 -20.84 9.68
N SER A 146 1.47 -19.51 9.64
CA SER A 146 0.29 -18.73 10.03
C SER A 146 -0.90 -18.95 9.08
N ALA A 147 -0.65 -19.45 7.89
CA ALA A 147 -1.74 -19.69 6.93
C ALA A 147 -2.68 -20.80 7.41
N SER A 148 -2.15 -21.72 8.22
CA SER A 148 -2.95 -22.80 8.76
C SER A 148 -4.19 -22.23 9.42
N ARG A 149 -4.07 -21.06 10.05
CA ARG A 149 -5.17 -20.48 10.81
C ARG A 149 -6.19 -19.74 9.96
N SER A 150 -5.74 -19.18 8.83
CA SER A 150 -6.65 -18.41 7.98
C SER A 150 -7.69 -19.23 7.22
N ILE A 151 -7.68 -20.56 7.40
CA ILE A 151 -8.78 -21.37 6.91
C ILE A 151 -10.07 -21.03 7.65
N PHE A 152 -9.93 -20.50 8.86
CA PHE A 152 -11.05 -20.30 9.78
C PHE A 152 -11.32 -18.84 10.10
N GLY A 153 -12.55 -18.54 10.52
CA GLY A 153 -12.89 -17.21 11.01
C GLY A 153 -12.78 -17.12 12.53
N GLY A 154 -13.14 -15.96 13.08
CA GLY A 154 -13.11 -15.73 14.52
C GLY A 154 -11.80 -16.14 15.17
N PHE A 155 -11.90 -16.72 16.38
CA PHE A 155 -10.73 -17.27 17.05
C PHE A 155 -10.37 -18.60 16.42
N ALA A 156 -9.07 -18.85 16.24
CA ALA A 156 -8.57 -20.13 15.74
C ALA A 156 -7.31 -20.54 16.49
N GLU A 157 -7.12 -21.84 16.65
CA GLU A 157 -5.95 -22.36 17.33
C GLU A 157 -5.19 -23.33 16.43
N TRP A 158 -3.89 -23.11 16.30
CA TRP A 158 -3.02 -24.05 15.59
C TRP A 158 -2.44 -25.02 16.61
N GLU A 159 -2.86 -26.28 16.52
CA GLU A 159 -2.32 -27.35 17.34
C GLU A 159 -0.98 -27.80 16.75
N LYS A 160 0.07 -27.76 17.56
CA LYS A 160 1.40 -27.96 17.03
C LYS A 160 1.61 -29.38 16.50
N GLY A 161 0.98 -30.35 17.14
CA GLY A 161 1.14 -31.74 16.74
C GLY A 161 2.59 -32.17 16.78
N HIS A 162 2.91 -33.27 16.10
CA HIS A 162 4.27 -33.79 16.13
C HIS A 162 4.72 -34.20 14.73
N ASP A 163 3.80 -34.13 13.77
CA ASP A 163 4.13 -34.47 12.39
C ASP A 163 3.21 -33.79 11.37
N ASP A 164 3.44 -34.06 10.09
CA ASP A 164 2.64 -33.43 9.05
C ASP A 164 1.15 -33.69 9.23
N LEU A 165 0.80 -34.88 9.71
CA LEU A 165 -0.62 -35.25 9.85
C LEU A 165 -1.32 -34.59 11.03
N THR A 166 -0.58 -34.35 12.10
CA THR A 166 -1.15 -33.86 13.34
C THR A 166 -1.05 -32.34 13.56
N SER A 167 -0.25 -31.66 12.73
CA SER A 167 -0.07 -30.22 12.87
C SER A 167 -1.03 -29.42 12.00
N TYR A 168 -2.04 -28.82 12.61
CA TYR A 168 -3.01 -28.03 11.88
C TYR A 168 -3.90 -27.23 12.82
N ALA A 169 -4.71 -26.35 12.26
CA ALA A 169 -5.58 -25.50 13.07
C ALA A 169 -7.04 -25.91 13.03
N HIS A 170 -7.83 -25.31 13.92
CA HIS A 170 -9.26 -25.49 13.95
C HIS A 170 -9.85 -24.20 14.49
N GLY A 171 -11.10 -23.93 14.17
CA GLY A 171 -11.77 -22.74 14.70
C GLY A 171 -12.27 -22.98 16.12
N ILE A 172 -12.22 -21.93 16.94
CA ILE A 172 -12.79 -21.96 18.28
C ILE A 172 -14.10 -21.20 18.28
N ASN A 173 -15.17 -21.83 18.74
CA ASN A 173 -16.45 -21.16 18.90
C ASN A 173 -16.35 -20.33 20.15
N SER A 174 -16.77 -19.07 20.09
CA SER A 174 -16.68 -18.20 21.26
C SER A 174 -18.04 -17.61 21.56
N ASN A 175 -19.08 -18.33 21.18
CA ASN A 175 -20.46 -17.84 21.30
C ASN A 175 -20.65 -16.47 20.68
N GLY A 176 -19.98 -16.23 19.57
CA GLY A 176 -20.16 -15.00 18.83
C GLY A 176 -19.40 -13.82 19.40
N TRP A 177 -18.49 -14.07 20.34
CA TRP A 177 -17.73 -12.99 20.95
C TRP A 177 -16.92 -12.22 19.91
N GLU A 178 -16.39 -12.94 18.92
CA GLU A 178 -15.59 -12.27 17.89
C GLU A 178 -16.35 -11.08 17.29
N LYS A 179 -17.68 -11.15 17.30
CA LYS A 179 -18.50 -10.11 16.68
C LYS A 179 -18.44 -8.79 17.45
N ASP A 180 -17.94 -8.83 18.69
CA ASP A 180 -17.88 -7.68 19.58
C ASP A 180 -16.49 -7.04 19.61
N LEU A 181 -15.55 -7.61 18.88
CA LEU A 181 -14.15 -7.19 18.98
C LEU A 181 -13.60 -6.59 17.70
N SER A 182 -12.61 -5.72 17.85
CA SER A 182 -11.94 -5.07 16.73
C SER A 182 -10.44 -5.02 16.96
N MET A 183 -9.70 -4.66 15.91
CA MET A 183 -8.26 -4.51 16.01
C MET A 183 -7.84 -3.28 15.25
N ILE A 184 -7.08 -2.41 15.91
CA ILE A 184 -6.59 -1.22 15.27
C ILE A 184 -5.12 -1.40 14.94
N PHE A 185 -4.77 -1.14 13.70
CA PHE A 185 -3.40 -1.22 13.24
C PHE A 185 -2.77 0.15 13.25
N VAL A 186 -1.73 0.31 14.08
CA VAL A 186 -0.92 1.51 14.08
C VAL A 186 0.29 1.26 13.19
N VAL A 187 0.32 1.92 12.04
CA VAL A 187 1.37 1.74 11.06
C VAL A 187 2.61 2.55 11.42
N ILE A 188 3.72 1.86 11.64
CA ILE A 188 4.93 2.50 12.11
C ILE A 188 6.07 2.24 11.13
N ASN A 189 6.90 3.24 10.91
CA ASN A 189 8.03 3.08 9.97
C ASN A 189 9.29 2.49 10.57
N ASN A 190 9.84 1.49 9.89
CA ASN A 190 11.13 0.92 10.22
C ASN A 190 12.16 1.25 9.14
N GLN A 191 13.27 0.53 9.13
CA GLN A 191 14.32 0.75 8.14
C GLN A 191 15.17 -0.50 7.93
N SER A 192 16.27 -0.34 7.19
CA SER A 192 17.27 -1.40 7.01
C SER A 192 16.67 -2.72 6.53
N LYS A 193 15.51 -2.67 5.88
CA LYS A 193 14.84 -3.88 5.42
C LYS A 193 14.51 -4.80 6.60
N LYS A 194 13.38 -5.50 6.51
CA LYS A 194 12.93 -6.31 7.62
C LYS A 194 13.56 -7.71 7.61
N VAL A 195 13.81 -8.24 8.79
CA VAL A 195 14.15 -9.65 8.94
C VAL A 195 12.83 -10.41 8.82
N SER A 196 12.69 -11.26 7.80
CA SER A 196 11.45 -12.00 7.63
C SER A 196 11.16 -12.76 8.91
N ALA A 197 9.89 -13.06 9.16
CA ALA A 197 9.54 -13.85 10.34
C ALA A 197 10.25 -15.20 10.34
N ARG A 198 10.36 -15.80 9.16
CA ARG A 198 10.95 -17.13 9.01
C ARG A 198 12.41 -17.14 9.44
N SER A 199 13.17 -16.16 8.98
CA SER A 199 14.58 -16.06 9.36
C SER A 199 14.75 -15.65 10.82
N GLY A 200 13.98 -14.67 11.25
CA GLY A 200 14.09 -14.17 12.60
C GLY A 200 13.78 -15.27 13.58
N MET A 201 12.66 -15.96 13.38
CA MET A 201 12.27 -16.98 14.35
C MET A 201 13.27 -18.14 14.34
N SER A 202 13.88 -18.37 13.18
CA SER A 202 14.89 -19.42 13.09
C SER A 202 16.12 -19.08 13.94
N LEU A 203 16.64 -17.87 13.78
CA LEU A 203 17.82 -17.49 14.55
C LEU A 203 17.51 -17.56 16.05
N THR A 204 16.32 -17.11 16.42
CA THR A 204 15.91 -17.07 17.82
C THR A 204 15.69 -18.47 18.37
N ARG A 205 14.85 -19.25 17.69
CA ARG A 205 14.61 -20.62 18.12
C ARG A 205 15.94 -21.37 18.29
N ASP A 206 16.88 -21.10 17.38
CA ASP A 206 18.16 -21.82 17.34
C ASP A 206 19.19 -21.36 18.37
N THR A 207 19.23 -20.06 18.66
CA THR A 207 20.33 -19.50 19.44
C THR A 207 19.94 -18.67 20.66
N SER A 208 18.67 -18.33 20.82
CA SER A 208 18.34 -17.37 21.87
C SER A 208 18.51 -17.96 23.27
N ARG A 209 19.17 -17.18 24.13
CA ARG A 209 19.39 -17.54 25.52
C ARG A 209 18.11 -17.40 26.32
N PHE A 210 17.06 -16.82 25.72
CA PHE A 210 15.81 -16.64 26.44
C PHE A 210 14.70 -17.48 25.83
N TYR A 211 15.05 -18.40 24.92
CA TYR A 211 14.01 -19.17 24.26
C TYR A 211 13.34 -20.16 25.21
N GLN A 212 14.13 -20.78 26.07
CA GLN A 212 13.53 -21.70 27.03
C GLN A 212 12.49 -21.01 27.91
N TYR A 213 12.76 -19.77 28.28
CA TYR A 213 11.82 -18.98 29.06
C TYR A 213 10.48 -18.86 28.32
N TRP A 214 10.56 -18.64 27.00
CA TRP A 214 9.37 -18.56 26.17
C TRP A 214 8.59 -19.88 26.25
N LEU A 215 9.29 -20.98 26.04
CA LEU A 215 8.65 -22.29 25.99
C LEU A 215 8.00 -22.65 27.32
N ASP A 216 8.63 -22.20 28.41
CA ASP A 216 8.17 -22.57 29.74
C ASP A 216 6.87 -21.87 30.08
N HIS A 217 6.54 -20.80 29.35
CA HIS A 217 5.37 -20.03 29.69
C HIS A 217 4.27 -20.03 28.65
N VAL A 218 4.58 -20.47 27.43
CA VAL A 218 3.58 -20.31 26.37
C VAL A 218 2.31 -21.13 26.56
N ASP A 219 2.45 -22.37 27.03
CA ASP A 219 1.27 -23.20 27.27
C ASP A 219 0.32 -22.62 28.34
N GLU A 220 0.91 -22.06 29.39
CA GLU A 220 0.13 -21.40 30.43
C GLU A 220 -0.64 -20.22 29.86
N ASP A 221 0.05 -19.41 29.05
CA ASP A 221 -0.59 -18.26 28.41
C ASP A 221 -1.77 -18.68 27.53
N LEU A 222 -1.56 -19.72 26.75
CA LEU A 222 -2.58 -20.20 25.82
C LEU A 222 -3.81 -20.67 26.59
N ASN A 223 -3.56 -21.44 27.65
CA ASN A 223 -4.65 -21.89 28.51
C ASN A 223 -5.41 -20.75 29.14
N GLU A 224 -4.68 -19.77 29.65
CA GLU A 224 -5.31 -18.59 30.23
C GLU A 224 -6.15 -17.88 29.18
N ALA A 225 -5.57 -17.65 28.01
CA ALA A 225 -6.27 -16.96 26.93
C ALA A 225 -7.57 -17.70 26.55
N LYS A 226 -7.49 -19.02 26.43
CA LYS A 226 -8.67 -19.80 26.05
C LYS A 226 -9.77 -19.76 27.11
N GLU A 227 -9.39 -19.83 28.37
CA GLU A 227 -10.39 -19.65 29.42
C GLU A 227 -11.02 -18.26 29.34
N ALA A 228 -10.20 -17.24 29.07
CA ALA A 228 -10.74 -15.90 28.93
C ALA A 228 -11.76 -15.83 27.78
N VAL A 229 -11.50 -16.58 26.72
CA VAL A 229 -12.43 -16.59 25.58
C VAL A 229 -13.76 -17.26 25.94
N LYS A 230 -13.69 -18.40 26.62
CA LYS A 230 -14.89 -19.09 27.10
C LYS A 230 -15.79 -18.16 27.91
N ASN A 231 -15.20 -17.36 28.78
CA ASN A 231 -15.97 -16.47 29.65
C ASN A 231 -16.20 -15.08 29.07
N GLN A 232 -15.70 -14.84 27.86
CA GLN A 232 -15.83 -13.53 27.22
C GLN A 232 -15.32 -12.41 28.12
N ASP A 233 -14.21 -12.70 28.78
CA ASP A 233 -13.58 -11.76 29.69
C ASP A 233 -12.50 -10.99 28.92
N PHE A 234 -12.83 -9.78 28.49
CA PHE A 234 -11.91 -9.02 27.65
C PHE A 234 -10.64 -8.64 28.39
N GLN A 235 -10.76 -8.15 29.61
CA GLN A 235 -9.58 -7.74 30.35
C GLN A 235 -8.62 -8.90 30.57
N ARG A 236 -9.18 -10.08 30.85
CA ARG A 236 -8.38 -11.27 31.11
C ARG A 236 -7.65 -11.78 29.85
N LEU A 237 -8.33 -11.69 28.71
CA LEU A 237 -7.69 -12.05 27.44
C LEU A 237 -6.56 -11.05 27.14
N GLY A 238 -6.89 -9.78 27.22
CA GLY A 238 -5.94 -8.71 26.93
C GLY A 238 -4.65 -8.79 27.72
N GLU A 239 -4.76 -8.99 29.03
CA GLU A 239 -3.58 -9.02 29.88
C GLU A 239 -2.62 -10.14 29.48
N VAL A 240 -3.17 -11.32 29.21
CA VAL A 240 -2.30 -12.45 28.89
C VAL A 240 -1.71 -12.31 27.48
N ILE A 241 -2.48 -11.81 26.52
CA ILE A 241 -1.96 -11.75 25.16
C ILE A 241 -0.92 -10.66 25.03
N GLU A 242 -1.11 -9.57 25.77
CA GLU A 242 -0.14 -8.49 25.79
C GLU A 242 1.17 -9.00 26.37
N ALA A 243 1.08 -9.75 27.47
CA ALA A 243 2.27 -10.31 28.08
C ALA A 243 2.95 -11.31 27.14
N ASN A 244 2.13 -12.14 26.49
CA ASN A 244 2.68 -13.14 25.59
C ASN A 244 3.47 -12.52 24.45
N GLY A 245 2.89 -11.49 23.84
CA GLY A 245 3.51 -10.78 22.73
C GLY A 245 4.86 -10.21 23.11
N LEU A 246 4.91 -9.53 24.23
CA LEU A 246 6.15 -9.00 24.76
C LEU A 246 7.20 -10.09 25.03
N ARG A 247 6.77 -11.25 25.51
CA ARG A 247 7.73 -12.33 25.79
C ARG A 247 8.36 -12.82 24.48
N MET A 248 7.56 -12.87 23.41
CA MET A 248 8.08 -13.22 22.09
C MET A 248 9.18 -12.25 21.68
N HIS A 249 8.94 -10.97 21.85
CA HIS A 249 9.98 -10.03 21.48
C HIS A 249 11.19 -10.13 22.40
N ALA A 250 10.95 -10.45 23.67
CA ALA A 250 12.05 -10.70 24.59
C ALA A 250 12.98 -11.78 24.05
N THR A 251 12.42 -12.82 23.46
CA THR A 251 13.26 -13.91 22.96
C THR A 251 14.31 -13.43 21.94
N ASN A 252 13.92 -12.48 21.10
CA ASN A 252 14.83 -11.95 20.09
C ASN A 252 16.00 -11.20 20.72
N LEU A 253 15.72 -10.53 21.84
CA LEU A 253 16.77 -9.83 22.57
C LEU A 253 17.88 -10.79 23.03
N GLY A 254 17.55 -12.08 23.16
CA GLY A 254 18.54 -13.05 23.60
C GLY A 254 19.24 -13.82 22.49
N ALA A 255 18.86 -13.56 21.24
CA ALA A 255 19.47 -14.25 20.09
C ALA A 255 20.95 -13.90 19.92
N GLN A 256 21.65 -14.71 19.13
CA GLN A 256 23.06 -14.52 18.88
C GLN A 256 23.34 -14.09 17.42
N PRO A 257 23.49 -12.78 17.19
CA PRO A 257 23.44 -11.70 18.17
C PRO A 257 22.02 -11.18 18.28
N PRO A 258 21.76 -10.27 19.23
CA PRO A 258 20.39 -9.85 19.50
C PRO A 258 19.81 -8.97 18.39
N PHE A 259 18.49 -8.97 18.31
CA PHE A 259 17.80 -8.05 17.41
C PHE A 259 16.44 -7.71 17.97
N THR A 260 15.83 -6.68 17.41
CA THR A 260 14.47 -6.33 17.78
C THR A 260 13.69 -5.89 16.55
N TYR A 261 12.38 -6.15 16.56
CA TYR A 261 11.46 -5.63 15.55
C TYR A 261 10.89 -4.27 15.94
N LEU A 262 11.10 -3.87 17.19
CA LEU A 262 10.42 -2.68 17.72
C LEU A 262 11.26 -1.42 17.59
N VAL A 263 10.61 -0.29 17.33
CA VAL A 263 11.31 0.99 17.25
C VAL A 263 10.67 1.96 18.26
N GLN A 264 11.27 3.14 18.46
CA GLN A 264 10.79 4.01 19.54
C GLN A 264 9.33 4.35 19.32
N GLU A 265 8.95 4.57 18.08
CA GLU A 265 7.57 4.86 17.76
C GLU A 265 6.62 3.72 18.22
N SER A 266 7.10 2.47 18.19
CA SER A 266 6.30 1.34 18.68
C SER A 266 6.00 1.49 20.16
N TYR A 267 7.04 1.87 20.91
CA TYR A 267 6.91 2.08 22.34
C TYR A 267 5.98 3.25 22.62
N ASP A 268 6.06 4.30 21.80
CA ASP A 268 5.10 5.41 21.90
C ASP A 268 3.66 4.92 21.78
N ALA A 269 3.40 4.02 20.83
CA ALA A 269 2.04 3.50 20.65
C ALA A 269 1.58 2.67 21.83
N MET A 270 2.50 1.89 22.39
CA MET A 270 2.19 1.09 23.57
C MET A 270 1.82 1.98 24.75
N ALA A 271 2.56 3.09 24.89
CA ALA A 271 2.30 4.04 25.96
C ALA A 271 0.89 4.60 25.86
N ILE A 272 0.44 4.86 24.64
CA ILE A 272 -0.91 5.36 24.41
C ILE A 272 -1.96 4.33 24.81
N VAL A 273 -1.69 3.06 24.56
CA VAL A 273 -2.60 2.01 24.99
C VAL A 273 -2.76 2.03 26.51
N GLU A 274 -1.65 2.17 27.22
CA GLU A 274 -1.71 2.18 28.69
C GLU A 274 -2.50 3.41 29.17
N GLN A 275 -2.29 4.56 28.51
CA GLN A 275 -3.09 5.75 28.81
C GLN A 275 -4.58 5.51 28.59
N CYS A 276 -4.92 4.78 27.53
CA CYS A 276 -6.32 4.45 27.26
C CYS A 276 -6.90 3.58 28.38
N ARG A 277 -6.14 2.57 28.80
CA ARG A 277 -6.59 1.73 29.92
C ARG A 277 -6.81 2.57 31.18
N LYS A 278 -5.88 3.49 31.48
CA LYS A 278 -6.01 4.31 32.69
C LYS A 278 -7.13 5.33 32.54
N ALA A 279 -7.63 5.52 31.32
CA ALA A 279 -8.74 6.43 31.06
C ALA A 279 -10.04 5.67 30.77
N ASN A 280 -10.19 4.50 31.39
CA ASN A 280 -11.39 3.68 31.22
C ASN A 280 -11.73 3.39 29.77
N LEU A 281 -10.72 3.01 29.00
CA LEU A 281 -10.89 2.61 27.61
C LEU A 281 -10.05 1.36 27.40
N PRO A 282 -10.59 0.19 27.80
CA PRO A 282 -9.84 -1.07 27.79
C PRO A 282 -9.32 -1.43 26.40
N CYS A 283 -8.02 -1.73 26.33
CA CYS A 283 -7.42 -2.20 25.08
C CYS A 283 -6.03 -2.72 25.35
N TYR A 284 -5.53 -3.56 24.45
CA TYR A 284 -4.28 -4.28 24.64
C TYR A 284 -3.54 -4.41 23.30
N PHE A 285 -2.22 -4.42 23.36
CA PHE A 285 -1.43 -4.38 22.14
C PHE A 285 -0.65 -5.67 21.91
N THR A 286 -0.30 -5.88 20.64
CA THR A 286 0.58 -6.96 20.28
C THR A 286 1.35 -6.51 19.05
N MET A 287 2.45 -7.19 18.79
CA MET A 287 3.34 -6.87 17.68
C MET A 287 3.87 -8.15 17.05
N ASP A 288 4.06 -8.15 15.75
CA ASP A 288 4.62 -9.31 15.06
C ASP A 288 6.03 -9.04 14.59
N ALA A 289 6.38 -9.53 13.40
CA ALA A 289 7.75 -9.39 12.91
C ALA A 289 7.97 -8.03 12.26
N GLY A 290 7.72 -6.97 13.02
CA GLY A 290 7.98 -5.63 12.56
C GLY A 290 7.48 -4.63 13.60
N PRO A 291 7.63 -3.33 13.31
CA PRO A 291 7.33 -2.30 14.31
C PRO A 291 5.85 -1.94 14.43
N ASN A 292 4.97 -2.38 13.53
CA ASN A 292 3.55 -2.01 13.64
C ASN A 292 2.96 -2.47 14.97
N VAL A 293 2.11 -1.64 15.57
CA VAL A 293 1.44 -2.03 16.80
C VAL A 293 -0.03 -2.31 16.52
N LYS A 294 -0.49 -3.48 16.94
CA LYS A 294 -1.87 -3.88 16.73
C LYS A 294 -2.57 -3.84 18.06
N VAL A 295 -3.72 -3.18 18.10
CA VAL A 295 -4.40 -2.87 19.34
C VAL A 295 -5.77 -3.53 19.39
N LEU A 296 -5.88 -4.55 20.22
CA LEU A 296 -7.12 -5.28 20.40
C LEU A 296 -8.05 -4.46 21.30
N VAL A 297 -9.27 -4.22 20.83
CA VAL A 297 -10.22 -3.40 21.55
C VAL A 297 -11.64 -3.86 21.30
N GLU A 298 -12.53 -3.61 22.25
CA GLU A 298 -13.94 -3.91 22.03
C GLU A 298 -14.50 -2.93 21.03
N LYS A 299 -15.40 -3.41 20.17
CA LYS A 299 -15.94 -2.60 19.08
C LYS A 299 -16.55 -1.28 19.56
N LYS A 300 -17.21 -1.32 20.72
CA LYS A 300 -17.86 -0.12 21.24
C LYS A 300 -16.85 1.00 21.53
N ASN A 301 -15.59 0.62 21.76
CA ASN A 301 -14.54 1.58 22.11
C ASN A 301 -13.60 1.92 20.97
N LYS A 302 -13.83 1.29 19.82
CA LYS A 302 -12.92 1.44 18.69
C LYS A 302 -12.70 2.90 18.32
N GLN A 303 -13.79 3.62 18.02
CA GLN A 303 -13.68 5.03 17.65
C GLN A 303 -12.90 5.85 18.68
N ALA A 304 -13.22 5.68 19.96
CA ALA A 304 -12.57 6.46 21.01
C ALA A 304 -11.07 6.20 21.05
N VAL A 305 -10.69 4.93 21.10
CA VAL A 305 -9.27 4.57 21.12
C VAL A 305 -8.54 5.14 19.91
N MET A 306 -9.16 5.04 18.73
CA MET A 306 -8.56 5.60 17.53
C MET A 306 -8.34 7.11 17.65
N GLU A 307 -9.29 7.79 18.31
CA GLU A 307 -9.19 9.23 18.46
C GLU A 307 -7.99 9.62 19.34
N GLN A 308 -7.68 8.79 20.32
CA GLN A 308 -6.48 9.02 21.13
C GLN A 308 -5.22 8.86 20.28
N PHE A 309 -5.18 7.85 19.42
CA PHE A 309 -4.03 7.68 18.53
C PHE A 309 -3.88 8.81 17.54
N LEU A 310 -5.01 9.32 17.06
CA LEU A 310 -5.05 10.42 16.09
C LEU A 310 -4.56 11.75 16.63
N LYS A 311 -4.36 11.85 17.95
CA LYS A 311 -3.73 13.05 18.51
C LYS A 311 -2.26 13.08 18.14
N VAL A 312 -1.71 11.91 17.81
CA VAL A 312 -0.28 11.74 17.64
C VAL A 312 0.11 11.25 16.25
N PHE A 313 -0.72 10.36 15.68
CA PHE A 313 -0.38 9.71 14.41
C PHE A 313 -1.22 10.25 13.26
N ASP A 314 -0.66 10.19 12.05
CA ASP A 314 -1.41 10.59 10.86
C ASP A 314 -2.62 9.70 10.69
N GLU A 315 -3.70 10.26 10.17
CA GLU A 315 -4.90 9.49 9.86
C GLU A 315 -4.60 8.31 8.94
N SER A 316 -3.66 8.49 8.02
CA SER A 316 -3.31 7.41 7.09
C SER A 316 -2.72 6.19 7.80
N LYS A 317 -2.15 6.40 8.99
CA LYS A 317 -1.39 5.37 9.69
C LYS A 317 -2.21 4.64 10.77
N ILE A 318 -3.47 5.03 10.93
CA ILE A 318 -4.36 4.37 11.87
C ILE A 318 -5.46 3.65 11.10
N ILE A 319 -5.47 2.32 11.14
CA ILE A 319 -6.35 1.52 10.30
C ILE A 319 -7.01 0.40 11.09
N ALA A 320 -8.33 0.42 11.17
CA ALA A 320 -9.06 -0.56 11.97
C ALA A 320 -9.76 -1.61 11.13
N SER A 321 -9.99 -2.77 11.75
CA SER A 321 -10.70 -3.87 11.13
C SER A 321 -11.53 -4.59 12.17
N ASP A 322 -12.69 -5.10 11.78
CA ASP A 322 -13.45 -5.96 12.69
C ASP A 322 -12.96 -7.38 12.54
N ILE A 323 -13.50 -8.28 13.36
CA ILE A 323 -13.14 -9.69 13.27
C ILE A 323 -14.26 -10.44 12.54
N ILE A 324 -13.88 -11.21 11.53
CA ILE A 324 -14.87 -11.88 10.70
C ILE A 324 -15.19 -13.24 11.32
N SER A 325 -16.44 -13.70 11.17
CA SER A 325 -16.89 -14.93 11.80
C SER A 325 -16.75 -16.14 10.90
N SER A 326 -16.79 -15.89 9.59
CA SER A 326 -16.74 -16.98 8.62
C SER A 326 -15.29 -17.27 8.20
N GLY A 327 -15.09 -18.43 7.60
CA GLY A 327 -13.77 -18.86 7.20
C GLY A 327 -13.56 -18.67 5.71
N VAL A 328 -12.57 -19.37 5.16
CA VAL A 328 -12.19 -19.21 3.77
C VAL A 328 -13.40 -19.39 2.86
N GLU A 329 -13.51 -18.56 1.82
CA GLU A 329 -14.65 -18.58 0.90
C GLU A 329 -14.27 -18.95 -0.53
N ILE A 330 -15.11 -19.74 -1.20
CA ILE A 330 -14.97 -19.95 -2.64
C ILE A 330 -15.76 -18.87 -3.38
N ILE A 331 -15.11 -18.20 -4.33
CA ILE A 331 -15.72 -17.07 -5.04
C ILE A 331 -15.58 -17.15 -6.56
N LYS A 332 -16.16 -16.18 -7.25
CA LYS A 332 -16.11 -16.12 -8.70
C LYS A 332 -14.81 -15.50 -9.18
N VAL B 7 -30.31 14.44 -9.97
CA VAL B 7 -30.70 14.29 -11.37
C VAL B 7 -29.49 14.22 -12.31
N LYS B 8 -28.46 15.00 -12.01
CA LYS B 8 -27.28 15.08 -12.88
C LYS B 8 -26.07 14.39 -12.26
N SER B 9 -25.58 13.33 -12.90
CA SER B 9 -24.42 12.62 -12.35
C SER B 9 -23.45 12.17 -13.42
N GLY B 10 -22.21 11.95 -13.00
CA GLY B 10 -21.13 11.62 -13.91
C GLY B 10 -20.00 10.98 -13.13
N LYS B 11 -19.22 10.15 -13.80
CA LYS B 11 -18.14 9.46 -13.12
C LYS B 11 -16.94 9.38 -14.06
N ALA B 12 -15.75 9.48 -13.46
CA ALA B 12 -14.53 9.49 -14.25
C ALA B 12 -13.33 8.90 -13.51
N ARG B 13 -12.37 8.39 -14.28
CA ARG B 13 -11.13 7.88 -13.72
C ARG B 13 -9.96 8.71 -14.27
N ALA B 14 -9.09 9.17 -13.37
CA ALA B 14 -7.87 9.88 -13.77
C ALA B 14 -6.69 9.26 -13.03
N HIS B 15 -5.58 9.12 -13.75
CA HIS B 15 -4.37 8.52 -13.21
C HIS B 15 -3.41 9.57 -12.69
N THR B 16 -2.60 9.18 -11.71
CA THR B 16 -1.63 10.10 -11.16
C THR B 16 -0.57 10.37 -12.22
N ASN B 17 0.21 11.43 -12.03
CA ASN B 17 1.33 11.71 -12.91
C ASN B 17 2.53 12.14 -12.07
N ILE B 18 3.72 11.83 -12.55
CA ILE B 18 4.95 12.23 -11.88
C ILE B 18 5.70 13.25 -12.72
N ALA B 19 6.02 14.39 -12.12
CA ALA B 19 6.75 15.46 -12.81
C ALA B 19 8.19 15.04 -13.00
N LEU B 20 8.66 15.15 -14.24
CA LEU B 20 10.06 14.87 -14.53
C LEU B 20 10.82 16.19 -14.57
N ILE B 21 10.18 17.22 -15.11
CA ILE B 21 10.63 18.59 -14.90
C ILE B 21 9.62 19.23 -13.96
N LYS B 22 10.09 19.68 -12.81
CA LYS B 22 9.18 19.97 -11.69
C LYS B 22 8.43 21.28 -11.80
N TYR B 23 7.18 21.24 -11.37
CA TYR B 23 6.42 22.42 -10.97
C TYR B 23 6.77 22.71 -9.52
N TRP B 24 7.30 23.90 -9.25
CA TRP B 24 7.69 24.24 -7.90
C TRP B 24 7.68 25.76 -7.73
N GLY B 25 6.57 26.26 -7.17
CA GLY B 25 6.40 27.70 -6.99
C GLY B 25 5.28 28.24 -7.87
N LYS B 26 4.38 29.01 -7.26
CA LYS B 26 3.28 29.65 -7.99
C LYS B 26 3.57 31.12 -8.27
N ALA B 27 3.25 31.56 -9.48
CA ALA B 27 3.26 32.97 -9.82
C ALA B 27 1.99 33.62 -9.25
N ASP B 28 0.89 32.85 -9.32
CA ASP B 28 -0.42 33.32 -8.84
C ASP B 28 -1.07 32.24 -7.96
N GLU B 29 -1.28 32.57 -6.69
CA GLU B 29 -1.77 31.57 -5.74
C GLU B 29 -3.28 31.31 -5.85
N THR B 30 -4.01 32.26 -6.39
CA THR B 30 -5.46 32.11 -6.42
C THR B 30 -5.93 31.28 -7.61
N TYR B 31 -5.33 31.51 -8.77
CA TYR B 31 -5.68 30.75 -9.98
C TYR B 31 -4.74 29.57 -10.23
N ILE B 32 -3.71 29.43 -9.40
CA ILE B 32 -2.68 28.41 -9.60
C ILE B 32 -2.04 28.53 -10.96
N ILE B 33 -1.27 29.61 -11.11
CA ILE B 33 -0.44 29.82 -12.29
C ILE B 33 1.00 29.63 -11.81
N PRO B 34 1.78 28.79 -12.51
CA PRO B 34 3.09 28.39 -11.97
C PRO B 34 4.21 29.31 -12.43
N MET B 35 5.33 29.29 -11.70
CA MET B 35 6.49 30.08 -12.06
C MET B 35 7.19 29.52 -13.30
N ASN B 36 7.03 28.23 -13.56
CA ASN B 36 7.66 27.63 -14.73
C ASN B 36 6.83 26.52 -15.36
N ASN B 37 7.17 26.13 -16.57
CA ASN B 37 6.52 24.99 -17.22
C ASN B 37 6.96 23.70 -16.55
N SER B 38 6.17 22.64 -16.73
CA SER B 38 6.57 21.35 -16.17
C SER B 38 6.25 20.22 -17.13
N LEU B 39 6.89 19.07 -16.92
CA LEU B 39 6.76 17.97 -17.86
C LEU B 39 6.59 16.69 -17.04
N SER B 40 5.58 15.89 -17.35
CA SER B 40 5.29 14.71 -16.53
C SER B 40 4.99 13.46 -17.35
N VAL B 41 4.99 12.32 -16.67
CA VAL B 41 4.47 11.09 -17.25
C VAL B 41 3.32 10.59 -16.40
N THR B 42 2.26 10.11 -17.06
CA THR B 42 1.09 9.59 -16.37
C THR B 42 1.24 8.10 -16.10
N LEU B 43 0.88 7.67 -14.90
CA LEU B 43 1.13 6.30 -14.47
C LEU B 43 -0.10 5.39 -14.53
N ASP B 44 0.11 4.15 -14.95
CA ASP B 44 -0.95 3.17 -15.13
C ASP B 44 -1.53 2.68 -13.81
N ARG B 45 -0.69 2.58 -12.78
CA ARG B 45 -1.06 1.76 -11.63
C ARG B 45 -1.83 2.52 -10.55
N PHE B 46 -1.66 3.84 -10.51
CA PHE B 46 -2.24 4.64 -9.42
C PHE B 46 -3.23 5.65 -9.98
N TYR B 47 -4.42 5.72 -9.39
CA TYR B 47 -5.48 6.53 -9.96
C TYR B 47 -6.59 6.84 -8.97
N THR B 48 -7.51 7.68 -9.42
CA THR B 48 -8.68 8.05 -8.64
C THR B 48 -9.92 7.85 -9.50
N GLU B 49 -10.97 7.27 -8.90
CA GLU B 49 -12.27 7.20 -9.53
C GLU B 49 -13.22 8.09 -8.74
N THR B 50 -13.93 8.95 -9.45
CA THR B 50 -14.79 9.94 -8.81
C THR B 50 -16.15 10.01 -9.47
N LYS B 51 -17.18 9.91 -8.65
CA LYS B 51 -18.56 10.08 -9.12
C LYS B 51 -19.07 11.39 -8.55
N VAL B 52 -19.76 12.17 -9.36
CA VAL B 52 -20.34 13.40 -8.87
C VAL B 52 -21.84 13.42 -9.21
N THR B 53 -22.64 13.94 -8.29
CA THR B 53 -24.09 13.99 -8.45
C THR B 53 -24.61 15.35 -8.03
N PHE B 54 -25.23 16.06 -8.95
CA PHE B 54 -25.85 17.33 -8.61
C PHE B 54 -27.32 17.14 -8.32
N ASP B 55 -27.75 17.51 -7.11
CA ASP B 55 -29.14 17.35 -6.69
C ASP B 55 -29.69 18.66 -6.13
N PRO B 56 -30.83 19.12 -6.68
CA PRO B 56 -31.52 20.32 -6.20
C PRO B 56 -31.77 20.28 -4.69
N ASP B 57 -32.02 19.08 -4.17
CA ASP B 57 -32.25 18.91 -2.74
C ASP B 57 -31.03 19.28 -1.92
N PHE B 58 -29.85 19.25 -2.54
CA PHE B 58 -28.59 19.44 -1.83
C PHE B 58 -28.35 20.92 -1.45
N THR B 59 -28.10 21.14 -0.16
CA THR B 59 -27.91 22.48 0.38
C THR B 59 -26.44 22.83 0.49
N GLU B 60 -25.58 21.85 0.26
CA GLU B 60 -24.14 22.05 0.33
C GLU B 60 -23.42 20.88 -0.36
N ASP B 61 -22.15 21.08 -0.69
CA ASP B 61 -21.35 20.03 -1.29
C ASP B 61 -20.86 19.07 -0.22
N CYS B 62 -20.74 17.80 -0.59
CA CYS B 62 -20.31 16.79 0.34
C CYS B 62 -19.32 15.85 -0.36
N LEU B 63 -18.13 15.70 0.22
CA LEU B 63 -17.14 14.78 -0.33
C LEU B 63 -17.00 13.53 0.56
N ILE B 64 -17.26 12.37 -0.02
CA ILE B 64 -16.97 11.10 0.64
C ILE B 64 -15.74 10.47 -0.04
N LEU B 65 -14.64 10.39 0.69
CA LEU B 65 -13.37 9.94 0.12
C LEU B 65 -12.97 8.59 0.70
N ASN B 66 -12.83 7.57 -0.14
CA ASN B 66 -12.53 6.22 0.33
C ASN B 66 -13.56 5.71 1.34
N GLY B 67 -14.83 6.09 1.13
CA GLY B 67 -15.90 5.65 2.00
C GLY B 67 -16.12 6.48 3.25
N ASN B 68 -15.32 7.54 3.45
CA ASN B 68 -15.46 8.35 4.66
C ASN B 68 -15.63 9.85 4.42
N GLU B 69 -16.44 10.49 5.26
CA GLU B 69 -16.61 11.93 5.20
C GLU B 69 -15.30 12.60 5.51
N VAL B 70 -15.03 13.72 4.84
CA VAL B 70 -13.78 14.42 5.06
C VAL B 70 -13.97 15.44 6.19
N ASN B 71 -12.88 15.96 6.72
CA ASN B 71 -12.97 16.90 7.83
C ASN B 71 -13.31 18.33 7.38
N ALA B 72 -13.50 19.23 8.34
CA ALA B 72 -13.95 20.59 8.06
C ALA B 72 -13.10 21.25 7.00
N LYS B 73 -11.79 21.12 7.15
CA LYS B 73 -10.82 21.76 6.26
C LYS B 73 -10.97 21.28 4.82
N GLU B 74 -11.17 19.98 4.64
CA GLU B 74 -11.30 19.43 3.29
C GLU B 74 -12.62 19.83 2.67
N LYS B 75 -13.66 19.86 3.51
CA LYS B 75 -14.99 20.21 3.05
C LYS B 75 -15.00 21.65 2.52
N GLU B 76 -14.27 22.53 3.19
CA GLU B 76 -14.19 23.94 2.79
C GLU B 76 -13.41 24.07 1.48
N LYS B 77 -12.40 23.23 1.33
CA LYS B 77 -11.56 23.17 0.14
C LYS B 77 -12.39 22.73 -1.08
N ILE B 78 -13.21 21.69 -0.89
CA ILE B 78 -14.06 21.19 -1.94
C ILE B 78 -15.21 22.16 -2.25
N GLN B 79 -15.71 22.85 -1.24
CA GLN B 79 -16.79 23.81 -1.46
C GLN B 79 -16.33 24.96 -2.35
N ASN B 80 -15.11 25.42 -2.12
CA ASN B 80 -14.56 26.50 -2.94
C ASN B 80 -14.37 26.05 -4.38
N TYR B 81 -13.90 24.83 -4.56
CA TYR B 81 -13.68 24.30 -5.89
C TYR B 81 -14.99 24.16 -6.64
N MET B 82 -16.02 23.65 -5.97
CA MET B 82 -17.32 23.50 -6.62
C MET B 82 -17.97 24.84 -6.97
N ASN B 83 -17.62 25.90 -6.25
CA ASN B 83 -18.07 27.24 -6.63
C ASN B 83 -17.60 27.56 -8.05
N ILE B 84 -16.36 27.20 -8.35
CA ILE B 84 -15.80 27.44 -9.68
C ILE B 84 -16.62 26.69 -10.71
N VAL B 85 -16.91 25.43 -10.41
CA VAL B 85 -17.73 24.63 -11.31
C VAL B 85 -19.11 25.27 -11.55
N ARG B 86 -19.77 25.69 -10.48
CA ARG B 86 -21.10 26.31 -10.61
C ARG B 86 -21.04 27.57 -11.46
N ASP B 87 -20.00 28.37 -11.27
CA ASP B 87 -19.78 29.57 -12.06
C ASP B 87 -19.63 29.20 -13.52
N LEU B 88 -18.79 28.21 -13.79
CA LEU B 88 -18.54 27.78 -15.16
C LEU B 88 -19.84 27.28 -15.81
N ALA B 89 -20.60 26.49 -15.07
CA ALA B 89 -21.79 25.84 -15.61
C ALA B 89 -23.01 26.75 -15.59
N GLY B 90 -22.92 27.82 -14.80
CA GLY B 90 -24.02 28.75 -14.67
C GLY B 90 -25.22 28.16 -13.94
N ASN B 91 -24.97 27.39 -12.89
CA ASN B 91 -26.06 26.89 -12.05
C ASN B 91 -25.77 27.11 -10.59
N ARG B 92 -26.67 26.68 -9.71
CA ARG B 92 -26.51 26.86 -8.27
C ARG B 92 -26.57 25.52 -7.53
N LEU B 93 -26.54 24.44 -8.29
CA LEU B 93 -26.62 23.09 -7.71
C LEU B 93 -25.39 22.73 -6.90
N HIS B 94 -25.63 22.15 -5.73
CA HIS B 94 -24.57 21.54 -4.94
C HIS B 94 -24.45 20.06 -5.27
N ALA B 95 -23.30 19.47 -4.95
CA ALA B 95 -23.04 18.10 -5.40
C ALA B 95 -22.58 17.17 -4.29
N ARG B 96 -22.94 15.90 -4.42
CA ARG B 96 -22.36 14.87 -3.58
C ARG B 96 -21.26 14.17 -4.38
N ILE B 97 -20.07 14.13 -3.79
CA ILE B 97 -18.90 13.62 -4.49
C ILE B 97 -18.41 12.36 -3.79
N GLU B 98 -18.38 11.24 -4.51
CA GLU B 98 -17.88 10.01 -3.93
C GLU B 98 -16.64 9.61 -4.71
N SER B 99 -15.50 9.60 -4.03
CA SER B 99 -14.23 9.38 -4.71
C SER B 99 -13.41 8.33 -3.98
N GLU B 100 -12.61 7.58 -4.72
CA GLU B 100 -11.77 6.54 -4.17
C GLU B 100 -10.39 6.67 -4.78
N ASN B 101 -9.37 6.66 -3.93
CA ASN B 101 -7.99 6.69 -4.39
C ASN B 101 -7.41 5.29 -4.42
N TYR B 102 -6.96 4.88 -5.60
CA TYR B 102 -6.33 3.58 -5.78
C TYR B 102 -4.82 3.72 -5.73
N VAL B 103 -4.29 3.76 -4.52
CA VAL B 103 -2.85 3.85 -4.29
C VAL B 103 -2.51 2.90 -3.14
N PRO B 104 -1.22 2.53 -2.99
CA PRO B 104 -0.80 1.69 -1.87
C PRO B 104 -1.08 2.37 -0.53
N THR B 105 -1.76 1.67 0.36
CA THR B 105 -2.18 2.24 1.64
C THR B 105 -0.98 2.74 2.46
N ALA B 106 -1.07 3.95 2.99
CA ALA B 106 -0.02 4.50 3.86
C ALA B 106 1.38 4.57 3.24
N ALA B 107 1.45 4.64 1.92
CA ALA B 107 2.73 4.68 1.21
C ALA B 107 3.16 6.10 0.87
N GLY B 108 2.29 7.06 1.12
CA GLY B 108 2.61 8.47 0.91
C GLY B 108 2.56 8.99 -0.52
N LEU B 109 1.96 8.25 -1.45
CA LEU B 109 1.84 8.78 -2.81
C LEU B 109 0.85 9.92 -2.82
N ALA B 110 1.07 10.88 -3.73
CA ALA B 110 0.24 12.07 -3.89
C ALA B 110 -1.02 11.74 -4.69
N SER B 111 -2.14 12.38 -4.35
CA SER B 111 -3.39 12.08 -5.04
C SER B 111 -4.11 13.31 -5.58
N SER B 112 -3.62 14.51 -5.27
CA SER B 112 -4.35 15.71 -5.70
C SER B 112 -4.39 15.79 -7.24
N ALA B 113 -3.35 15.32 -7.92
CA ALA B 113 -3.36 15.38 -9.39
C ALA B 113 -4.46 14.51 -10.01
N SER B 114 -4.53 13.25 -9.60
CA SER B 114 -5.57 12.37 -10.12
C SER B 114 -6.92 12.80 -9.60
N ALA B 115 -6.98 13.28 -8.36
CA ALA B 115 -8.24 13.67 -7.74
C ALA B 115 -8.96 14.78 -8.49
N TYR B 116 -8.23 15.85 -8.82
CA TYR B 116 -8.88 16.96 -9.48
C TYR B 116 -9.08 16.77 -10.97
N ALA B 117 -8.22 16.00 -11.61
CA ALA B 117 -8.46 15.66 -13.00
C ALA B 117 -9.75 14.81 -13.09
N ALA B 118 -9.91 13.86 -12.17
CA ALA B 118 -11.10 13.00 -12.16
C ALA B 118 -12.37 13.80 -11.83
N LEU B 119 -12.27 14.70 -10.85
CA LEU B 119 -13.40 15.54 -10.44
C LEU B 119 -13.82 16.47 -11.57
N ALA B 120 -12.83 17.09 -12.21
CA ALA B 120 -13.12 17.93 -13.36
C ALA B 120 -13.82 17.15 -14.47
N ALA B 121 -13.33 15.94 -14.78
CA ALA B 121 -13.95 15.16 -15.84
C ALA B 121 -15.35 14.67 -15.44
N ALA B 122 -15.52 14.33 -14.17
CA ALA B 122 -16.81 13.84 -13.70
C ALA B 122 -17.87 14.95 -13.84
N CYS B 123 -17.48 16.15 -13.44
CA CYS B 123 -18.35 17.32 -13.53
C CYS B 123 -18.69 17.62 -14.99
N ASN B 124 -17.67 17.57 -15.85
CA ASN B 124 -17.89 17.77 -17.29
C ASN B 124 -18.98 16.84 -17.81
N GLU B 125 -18.95 15.60 -17.34
CA GLU B 125 -19.91 14.60 -17.76
C GLU B 125 -21.28 14.90 -17.12
N ALA B 126 -21.29 15.08 -15.80
CA ALA B 126 -22.55 15.29 -15.09
C ALA B 126 -23.34 16.50 -15.61
N LEU B 127 -22.63 17.58 -15.90
CA LEU B 127 -23.29 18.82 -16.34
C LEU B 127 -23.30 18.98 -17.86
N SER B 128 -22.85 17.93 -18.56
CA SER B 128 -22.79 17.92 -20.03
C SER B 128 -22.20 19.19 -20.60
N LEU B 129 -21.02 19.57 -20.11
CA LEU B 129 -20.36 20.79 -20.58
C LEU B 129 -19.61 20.56 -21.89
N ASN B 130 -19.32 19.30 -22.21
CA ASN B 130 -18.52 19.01 -23.39
C ASN B 130 -17.29 19.90 -23.49
N LEU B 131 -16.56 20.07 -22.40
CA LEU B 131 -15.31 20.83 -22.42
C LEU B 131 -14.24 20.21 -23.32
N SER B 132 -13.47 21.05 -24.01
CA SER B 132 -12.26 20.60 -24.70
C SER B 132 -11.24 20.09 -23.68
N ASP B 133 -10.26 19.31 -24.13
CA ASP B 133 -9.20 18.89 -23.22
C ASP B 133 -8.49 20.10 -22.59
N THR B 134 -8.26 21.14 -23.39
CA THR B 134 -7.68 22.37 -22.86
C THR B 134 -8.48 22.94 -21.69
N ASP B 135 -9.78 23.07 -21.87
CA ASP B 135 -10.60 23.63 -20.80
C ASP B 135 -10.75 22.68 -19.61
N LEU B 136 -10.72 21.38 -19.85
CA LEU B 136 -10.72 20.44 -18.73
C LEU B 136 -9.44 20.59 -17.93
N SER B 137 -8.32 20.76 -18.65
CA SER B 137 -7.03 20.93 -17.99
C SER B 137 -7.05 22.20 -17.15
N ARG B 138 -7.65 23.26 -17.70
CA ARG B 138 -7.76 24.54 -16.97
C ARG B 138 -8.61 24.38 -15.70
N LEU B 139 -9.71 23.63 -15.82
CA LEU B 139 -10.57 23.42 -14.67
C LEU B 139 -9.87 22.59 -13.60
N ALA B 140 -9.20 21.53 -14.02
CA ALA B 140 -8.43 20.73 -13.06
C ALA B 140 -7.36 21.57 -12.37
N ARG B 141 -6.69 22.42 -13.14
CA ARG B 141 -5.60 23.24 -12.64
C ARG B 141 -6.01 24.04 -11.42
N ARG B 142 -7.26 24.49 -11.40
CA ARG B 142 -7.73 25.35 -10.32
C ARG B 142 -7.82 24.64 -8.96
N GLY B 143 -7.91 23.31 -8.99
CA GLY B 143 -7.96 22.54 -7.75
C GLY B 143 -6.56 22.14 -7.30
N SER B 144 -5.72 21.76 -8.26
CA SER B 144 -4.33 21.40 -7.96
C SER B 144 -3.51 21.56 -9.23
N GLY B 145 -2.37 22.23 -9.12
CA GLY B 145 -1.58 22.53 -10.29
C GLY B 145 -1.29 21.28 -11.08
N SER B 146 -0.83 20.23 -10.40
CA SER B 146 -0.41 19.02 -11.07
C SER B 146 -1.56 18.29 -11.75
N ALA B 147 -2.79 18.52 -11.29
CA ALA B 147 -3.96 17.90 -11.94
C ALA B 147 -4.13 18.33 -13.39
N SER B 148 -3.64 19.52 -13.73
CA SER B 148 -3.76 19.99 -15.10
C SER B 148 -3.18 18.95 -16.04
N ARG B 149 -2.15 18.23 -15.59
CA ARG B 149 -1.44 17.29 -16.45
C ARG B 149 -2.12 15.92 -16.54
N SER B 150 -2.89 15.57 -15.51
CA SER B 150 -3.52 14.24 -15.47
C SER B 150 -4.74 14.09 -16.37
N ILE B 151 -5.10 15.16 -17.07
CA ILE B 151 -6.10 15.04 -18.11
C ILE B 151 -5.51 14.16 -19.22
N PHE B 152 -4.18 14.08 -19.25
CA PHE B 152 -3.50 13.41 -20.36
C PHE B 152 -2.73 12.15 -19.97
N GLY B 153 -2.56 11.26 -20.96
CA GLY B 153 -1.72 10.08 -20.80
C GLY B 153 -0.29 10.37 -21.24
N GLY B 154 0.58 9.36 -21.14
CA GLY B 154 1.96 9.47 -21.59
C GLY B 154 2.69 10.69 -21.05
N PHE B 155 3.52 11.30 -21.88
CA PHE B 155 4.16 12.55 -21.52
C PHE B 155 3.15 13.69 -21.70
N ALA B 156 3.17 14.64 -20.77
CA ALA B 156 2.34 15.84 -20.85
C ALA B 156 3.15 17.03 -20.39
N GLU B 157 2.82 18.23 -20.89
CA GLU B 157 3.50 19.46 -20.48
C GLU B 157 2.46 20.49 -20.05
N TRP B 158 2.69 21.12 -18.90
CA TRP B 158 1.84 22.23 -18.45
C TRP B 158 2.51 23.53 -18.84
N GLU B 159 1.89 24.26 -19.77
CA GLU B 159 2.38 25.58 -20.18
C GLU B 159 1.95 26.60 -19.14
N LYS B 160 2.91 27.32 -18.57
CA LYS B 160 2.60 28.18 -17.45
C LYS B 160 1.64 29.32 -17.83
N GLY B 161 1.75 29.81 -19.06
CA GLY B 161 0.91 30.93 -19.50
C GLY B 161 1.07 32.13 -18.60
N HIS B 162 0.07 33.01 -18.54
CA HIS B 162 0.16 34.23 -17.73
C HIS B 162 -1.19 34.61 -17.10
N ASP B 163 -2.21 33.80 -17.34
CA ASP B 163 -3.51 34.03 -16.70
C ASP B 163 -4.32 32.74 -16.75
N ASP B 164 -5.55 32.82 -16.25
CA ASP B 164 -6.42 31.66 -16.16
C ASP B 164 -6.69 31.01 -17.51
N LEU B 165 -6.69 31.82 -18.56
CA LEU B 165 -7.05 31.31 -19.88
C LEU B 165 -5.89 30.59 -20.57
N THR B 166 -4.66 30.97 -20.24
CA THR B 166 -3.51 30.51 -21.00
C THR B 166 -2.65 29.50 -20.23
N SER B 167 -3.03 29.18 -18.99
CA SER B 167 -2.25 28.25 -18.18
C SER B 167 -2.91 26.87 -18.16
N TYR B 168 -2.33 25.93 -18.89
CA TYR B 168 -2.93 24.61 -19.00
C TYR B 168 -1.96 23.63 -19.64
N ALA B 169 -2.32 22.36 -19.61
CA ALA B 169 -1.45 21.33 -20.12
C ALA B 169 -1.89 20.77 -21.47
N HIS B 170 -0.97 20.06 -22.12
CA HIS B 170 -1.31 19.31 -23.32
C HIS B 170 -0.53 17.99 -23.41
N GLY B 171 -1.09 17.01 -24.11
CA GLY B 171 -0.41 15.75 -24.29
C GLY B 171 0.69 15.84 -25.31
N ILE B 172 1.82 15.18 -25.04
CA ILE B 172 2.90 15.13 -26.01
C ILE B 172 2.88 13.76 -26.68
N ASN B 173 2.82 13.76 -28.00
CA ASN B 173 2.88 12.53 -28.78
C ASN B 173 4.35 12.15 -28.87
N SER B 174 4.69 10.95 -28.41
CA SER B 174 6.09 10.51 -28.49
C SER B 174 6.18 9.25 -29.33
N ASN B 175 5.25 9.09 -30.27
CA ASN B 175 5.19 7.91 -31.12
C ASN B 175 5.23 6.64 -30.31
N GLY B 176 4.49 6.66 -29.20
CA GLY B 176 4.28 5.46 -28.41
C GLY B 176 5.45 5.10 -27.52
N TRP B 177 6.43 5.98 -27.42
CA TRP B 177 7.61 5.70 -26.61
C TRP B 177 7.19 5.35 -25.17
N GLU B 178 6.11 5.95 -24.69
CA GLU B 178 5.70 5.70 -23.32
C GLU B 178 5.41 4.23 -23.07
N LYS B 179 5.15 3.48 -24.14
CA LYS B 179 4.83 2.06 -24.01
C LYS B 179 6.08 1.24 -23.68
N ASP B 180 7.25 1.88 -23.79
CA ASP B 180 8.53 1.22 -23.52
C ASP B 180 9.11 1.54 -22.14
N LEU B 181 8.44 2.40 -21.39
CA LEU B 181 8.99 2.93 -20.15
C LEU B 181 8.17 2.51 -18.94
N SER B 182 8.80 2.58 -17.77
CA SER B 182 8.16 2.20 -16.51
C SER B 182 8.71 3.07 -15.40
N MET B 183 8.08 3.03 -14.24
CA MET B 183 8.60 3.75 -13.08
C MET B 183 8.49 2.85 -11.86
N ILE B 184 9.59 2.71 -11.13
CA ILE B 184 9.59 1.94 -9.89
C ILE B 184 9.50 2.90 -8.69
N PHE B 185 8.52 2.68 -7.83
CA PHE B 185 8.41 3.48 -6.62
C PHE B 185 9.11 2.79 -5.47
N VAL B 186 9.95 3.54 -4.78
CA VAL B 186 10.54 3.04 -3.55
C VAL B 186 9.88 3.77 -2.39
N VAL B 187 9.09 3.03 -1.63
CA VAL B 187 8.30 3.63 -0.55
C VAL B 187 9.16 3.76 0.69
N ILE B 188 9.28 4.99 1.16
CA ILE B 188 10.14 5.35 2.27
C ILE B 188 9.36 6.21 3.23
N ASN B 189 9.54 5.95 4.52
CA ASN B 189 8.78 6.68 5.54
C ASN B 189 9.62 7.76 6.24
N ASN B 190 8.95 8.84 6.61
CA ASN B 190 9.56 9.88 7.46
C ASN B 190 8.85 9.95 8.82
N GLN B 191 9.62 10.16 9.88
CA GLN B 191 9.05 10.29 11.22
C GLN B 191 8.67 11.75 11.47
N SER B 192 8.98 12.59 10.49
CA SER B 192 8.72 14.02 10.56
C SER B 192 7.31 14.32 10.04
N LYS B 193 6.79 15.50 10.36
CA LYS B 193 5.49 15.93 9.84
C LYS B 193 5.60 16.27 8.36
N LYS B 194 4.60 15.86 7.59
CA LYS B 194 4.61 16.14 6.15
C LYS B 194 4.21 17.57 5.83
N VAL B 195 5.11 18.29 5.17
CA VAL B 195 4.80 19.61 4.64
C VAL B 195 4.14 19.43 3.28
N SER B 196 2.87 19.85 3.14
CA SER B 196 2.17 19.72 1.87
C SER B 196 2.97 20.43 0.78
N ALA B 197 2.87 19.93 -0.44
CA ALA B 197 3.57 20.57 -1.55
C ALA B 197 3.17 22.03 -1.64
N ARG B 198 1.90 22.34 -1.40
CA ARG B 198 1.43 23.73 -1.57
C ARG B 198 2.12 24.69 -0.59
N SER B 199 2.24 24.27 0.66
CA SER B 199 2.89 25.10 1.67
C SER B 199 4.42 25.14 1.48
N GLY B 200 5.01 23.98 1.18
CA GLY B 200 6.44 23.91 0.92
C GLY B 200 6.87 24.81 -0.21
N MET B 201 6.21 24.68 -1.35
CA MET B 201 6.61 25.42 -2.53
C MET B 201 6.35 26.92 -2.31
N SER B 202 5.39 27.24 -1.46
CA SER B 202 5.09 28.65 -1.18
C SER B 202 6.23 29.28 -0.40
N LEU B 203 6.67 28.58 0.66
CA LEU B 203 7.79 29.05 1.46
C LEU B 203 9.05 29.22 0.61
N THR B 204 9.34 28.23 -0.25
CA THR B 204 10.52 28.29 -1.10
C THR B 204 10.41 29.39 -2.16
N ARG B 205 9.27 29.40 -2.85
CA ARG B 205 9.00 30.43 -3.85
C ARG B 205 9.21 31.83 -3.27
N ASP B 206 8.75 32.03 -2.05
CA ASP B 206 8.72 33.36 -1.44
C ASP B 206 10.02 33.74 -0.76
N THR B 207 10.75 32.75 -0.23
CA THR B 207 11.91 33.06 0.62
C THR B 207 13.24 32.42 0.23
N SER B 208 13.25 31.46 -0.69
CA SER B 208 14.49 30.70 -0.90
C SER B 208 15.60 31.51 -1.56
N ARG B 209 16.78 31.42 -0.96
CA ARG B 209 17.99 32.07 -1.47
C ARG B 209 18.51 31.38 -2.71
N PHE B 210 18.00 30.18 -3.02
CA PHE B 210 18.44 29.46 -4.21
C PHE B 210 17.35 29.40 -5.29
N TYR B 211 16.26 30.12 -5.08
CA TYR B 211 15.15 30.02 -6.02
C TYR B 211 15.50 30.61 -7.39
N GLN B 212 16.28 31.68 -7.43
CA GLN B 212 16.67 32.27 -8.71
C GLN B 212 17.50 31.27 -9.53
N TYR B 213 18.34 30.48 -8.84
CA TYR B 213 19.14 29.46 -9.52
C TYR B 213 18.22 28.46 -10.21
N TRP B 214 17.13 28.10 -9.51
CA TRP B 214 16.11 27.22 -10.08
C TRP B 214 15.51 27.85 -11.35
N LEU B 215 15.05 29.08 -11.22
CA LEU B 215 14.43 29.77 -12.36
C LEU B 215 15.38 29.91 -13.57
N ASP B 216 16.67 30.09 -13.29
CA ASP B 216 17.65 30.31 -14.34
C ASP B 216 17.91 29.07 -15.20
N HIS B 217 17.61 27.89 -14.65
CA HIS B 217 17.92 26.65 -15.35
C HIS B 217 16.72 25.83 -15.80
N VAL B 218 15.51 26.21 -15.37
CA VAL B 218 14.38 25.32 -15.62
C VAL B 218 14.00 25.22 -17.10
N ASP B 219 14.01 26.34 -17.80
CA ASP B 219 13.62 26.32 -19.20
C ASP B 219 14.60 25.53 -20.07
N GLU B 220 15.89 25.66 -19.79
CA GLU B 220 16.90 24.87 -20.49
C GLU B 220 16.67 23.37 -20.27
N ASP B 221 16.35 23.00 -19.02
CA ASP B 221 16.11 21.60 -18.70
C ASP B 221 14.89 21.11 -19.46
N LEU B 222 13.83 21.91 -19.44
CA LEU B 222 12.60 21.57 -20.14
C LEU B 222 12.87 21.35 -21.63
N ASN B 223 13.64 22.24 -22.24
CA ASN B 223 13.97 22.09 -23.65
C ASN B 223 14.74 20.81 -23.91
N GLU B 224 15.74 20.55 -23.09
CA GLU B 224 16.57 19.36 -23.25
C GLU B 224 15.71 18.09 -23.12
N ALA B 225 14.84 18.06 -22.13
CA ALA B 225 13.95 16.92 -21.92
C ALA B 225 13.02 16.73 -23.12
N LYS B 226 12.40 17.80 -23.59
CA LYS B 226 11.49 17.70 -24.73
C LYS B 226 12.21 17.16 -25.97
N GLU B 227 13.46 17.57 -26.14
CA GLU B 227 14.26 17.10 -27.27
C GLU B 227 14.59 15.62 -27.14
N ALA B 228 14.87 15.20 -25.90
CA ALA B 228 15.15 13.79 -25.65
C ALA B 228 13.92 12.96 -25.97
N VAL B 229 12.75 13.50 -25.64
CA VAL B 229 11.52 12.80 -25.92
C VAL B 229 11.29 12.63 -27.43
N LYS B 230 11.59 13.67 -28.21
CA LYS B 230 11.46 13.58 -29.68
C LYS B 230 12.38 12.53 -30.30
N ASN B 231 13.59 12.42 -29.77
CA ASN B 231 14.55 11.42 -30.25
C ASN B 231 14.43 10.05 -29.54
N GLN B 232 13.42 9.90 -28.69
CA GLN B 232 13.29 8.71 -27.86
C GLN B 232 14.64 8.31 -27.24
N ASP B 233 15.29 9.30 -26.66
CA ASP B 233 16.64 9.13 -26.12
C ASP B 233 16.60 9.01 -24.59
N PHE B 234 16.63 7.78 -24.08
CA PHE B 234 16.41 7.57 -22.64
C PHE B 234 17.48 8.21 -21.74
N GLN B 235 18.76 7.97 -22.06
CA GLN B 235 19.84 8.53 -21.27
C GLN B 235 19.80 10.05 -21.20
N ARG B 236 19.53 10.68 -22.34
CA ARG B 236 19.48 12.13 -22.38
C ARG B 236 18.34 12.67 -21.53
N LEU B 237 17.18 12.02 -21.59
CA LEU B 237 16.05 12.42 -20.77
C LEU B 237 16.37 12.22 -19.30
N GLY B 238 16.90 11.03 -18.99
CA GLY B 238 17.20 10.67 -17.62
C GLY B 238 18.16 11.64 -16.93
N GLU B 239 19.24 11.99 -17.60
CA GLU B 239 20.25 12.84 -16.97
C GLU B 239 19.70 14.23 -16.62
N VAL B 240 18.92 14.80 -17.53
CA VAL B 240 18.41 16.14 -17.26
C VAL B 240 17.29 16.12 -16.21
N ILE B 241 16.41 15.13 -16.26
CA ILE B 241 15.33 15.10 -15.27
C ILE B 241 15.87 14.81 -13.87
N GLU B 242 16.92 14.01 -13.79
CA GLU B 242 17.51 13.73 -12.47
C GLU B 242 18.13 14.99 -11.90
N ALA B 243 18.83 15.74 -12.75
CA ALA B 243 19.46 16.99 -12.33
C ALA B 243 18.40 17.99 -11.89
N ASN B 244 17.36 18.13 -12.71
CA ASN B 244 16.26 19.05 -12.40
C ASN B 244 15.61 18.74 -11.05
N GLY B 245 15.29 17.46 -10.81
CA GLY B 245 14.67 17.05 -9.55
C GLY B 245 15.52 17.42 -8.35
N LEU B 246 16.82 17.20 -8.44
CA LEU B 246 17.71 17.58 -7.35
C LEU B 246 17.79 19.09 -7.14
N ARG B 247 17.71 19.86 -8.23
CA ARG B 247 17.75 21.31 -8.13
C ARG B 247 16.51 21.83 -7.41
N MET B 248 15.37 21.17 -7.62
CA MET B 248 14.15 21.51 -6.88
C MET B 248 14.37 21.34 -5.39
N HIS B 249 14.93 20.21 -5.00
CA HIS B 249 15.19 19.98 -3.57
C HIS B 249 16.23 20.96 -3.01
N ALA B 250 17.21 21.33 -3.83
CA ALA B 250 18.16 22.36 -3.40
C ALA B 250 17.48 23.66 -3.03
N THR B 251 16.40 24.03 -3.72
CA THR B 251 15.73 25.29 -3.41
C THR B 251 15.19 25.28 -1.98
N ASN B 252 14.74 24.12 -1.53
CA ASN B 252 14.18 24.00 -0.18
C ASN B 252 15.23 24.22 0.91
N LEU B 253 16.46 23.79 0.61
CA LEU B 253 17.60 24.02 1.47
C LEU B 253 17.88 25.52 1.69
N GLY B 254 17.50 26.38 0.75
CA GLY B 254 17.76 27.80 0.90
C GLY B 254 16.58 28.60 1.46
N ALA B 255 15.47 27.90 1.69
CA ALA B 255 14.28 28.53 2.27
C ALA B 255 14.57 29.10 3.65
N GLN B 256 13.69 29.99 4.12
CA GLN B 256 13.87 30.65 5.40
C GLN B 256 12.77 30.27 6.39
N PRO B 257 13.04 29.30 7.29
CA PRO B 257 14.29 28.56 7.37
C PRO B 257 14.27 27.30 6.49
N PRO B 258 15.44 26.65 6.31
CA PRO B 258 15.57 25.50 5.41
C PRO B 258 14.76 24.29 5.81
N PHE B 259 14.44 23.46 4.82
CA PHE B 259 13.78 22.19 5.03
C PHE B 259 14.14 21.24 3.91
N THR B 260 13.88 19.95 4.14
CA THR B 260 14.10 18.96 3.11
C THR B 260 13.00 17.92 3.17
N TYR B 261 12.69 17.33 2.03
CA TYR B 261 11.75 16.23 2.01
C TYR B 261 12.47 14.89 2.11
N LEU B 262 13.79 14.92 1.99
CA LEU B 262 14.56 13.67 1.86
C LEU B 262 15.07 13.14 3.21
N VAL B 263 15.13 11.82 3.33
CA VAL B 263 15.71 11.21 4.53
C VAL B 263 16.84 10.31 4.09
N GLN B 264 17.64 9.77 5.02
CA GLN B 264 18.80 8.96 4.62
C GLN B 264 18.42 7.84 3.67
N GLU B 265 17.28 7.19 3.93
CA GLU B 265 16.86 6.08 3.08
C GLU B 265 16.63 6.50 1.63
N SER B 266 16.20 7.74 1.44
CA SER B 266 16.05 8.30 0.09
C SER B 266 17.40 8.29 -0.61
N TYR B 267 18.41 8.78 0.09
CA TYR B 267 19.77 8.78 -0.45
C TYR B 267 20.26 7.34 -0.70
N ASP B 268 19.92 6.43 0.19
CA ASP B 268 20.28 5.04 -0.03
C ASP B 268 19.71 4.56 -1.37
N ALA B 269 18.46 4.92 -1.67
CA ALA B 269 17.84 4.53 -2.94
C ALA B 269 18.54 5.16 -4.14
N MET B 270 18.95 6.42 -4.01
CA MET B 270 19.63 7.11 -5.11
C MET B 270 20.94 6.41 -5.43
N ALA B 271 21.61 5.92 -4.40
CA ALA B 271 22.88 5.24 -4.59
C ALA B 271 22.69 3.94 -5.37
N ILE B 272 21.58 3.27 -5.13
CA ILE B 272 21.28 2.05 -5.85
C ILE B 272 21.08 2.31 -7.34
N VAL B 273 20.40 3.42 -7.64
CA VAL B 273 20.20 3.80 -9.03
C VAL B 273 21.54 4.01 -9.73
N GLU B 274 22.45 4.71 -9.07
CA GLU B 274 23.76 4.94 -9.68
C GLU B 274 24.48 3.61 -9.93
N GLN B 275 24.34 2.67 -8.99
CA GLN B 275 24.99 1.37 -9.17
C GLN B 275 24.39 0.59 -10.33
N CYS B 276 23.08 0.73 -10.53
CA CYS B 276 22.42 0.13 -11.68
C CYS B 276 22.99 0.71 -12.99
N ARG B 277 23.17 2.02 -13.02
CA ARG B 277 23.79 2.63 -14.19
C ARG B 277 25.20 2.04 -14.40
N LYS B 278 25.91 1.82 -13.29
CA LYS B 278 27.26 1.25 -13.36
C LYS B 278 27.23 -0.19 -13.89
N ALA B 279 26.15 -0.91 -13.59
CA ALA B 279 25.99 -2.28 -14.05
C ALA B 279 25.23 -2.36 -15.38
N ASN B 280 25.20 -1.25 -16.11
CA ASN B 280 24.60 -1.23 -17.45
C ASN B 280 23.08 -1.49 -17.43
N LEU B 281 22.42 -0.95 -16.42
CA LEU B 281 20.96 -0.93 -16.34
C LEU B 281 20.59 0.54 -16.22
N PRO B 282 20.38 1.20 -17.36
CA PRO B 282 20.15 2.64 -17.28
C PRO B 282 18.85 2.95 -16.53
N CYS B 283 18.91 3.87 -15.57
CA CYS B 283 17.73 4.35 -14.87
C CYS B 283 18.05 5.62 -14.11
N TYR B 284 17.01 6.37 -13.72
CA TYR B 284 17.17 7.72 -13.18
C TYR B 284 16.11 8.01 -12.15
N PHE B 285 16.44 8.80 -11.14
CA PHE B 285 15.51 8.99 -10.03
C PHE B 285 14.91 10.38 -9.95
N THR B 286 13.76 10.47 -9.29
CA THR B 286 13.20 11.76 -8.98
C THR B 286 12.45 11.65 -7.65
N MET B 287 12.30 12.78 -6.98
CA MET B 287 11.56 12.84 -5.73
C MET B 287 10.60 14.02 -5.75
N ASP B 288 9.49 13.90 -5.02
CA ASP B 288 8.53 15.01 -4.94
C ASP B 288 8.46 15.56 -3.53
N ALA B 289 7.25 15.80 -3.03
CA ALA B 289 7.09 16.41 -1.71
C ALA B 289 7.12 15.36 -0.61
N GLY B 290 8.13 14.49 -0.66
CA GLY B 290 8.23 13.40 0.30
C GLY B 290 9.50 12.63 0.06
N PRO B 291 9.80 11.66 0.93
CA PRO B 291 11.04 10.89 0.82
C PRO B 291 10.99 9.74 -0.20
N ASN B 292 9.81 9.41 -0.74
CA ASN B 292 9.74 8.30 -1.72
C ASN B 292 10.65 8.58 -2.90
N VAL B 293 11.28 7.54 -3.43
CA VAL B 293 12.15 7.73 -4.58
C VAL B 293 11.52 7.05 -5.77
N LYS B 294 11.38 7.77 -6.88
CA LYS B 294 10.79 7.21 -8.09
C LYS B 294 11.88 6.96 -9.11
N VAL B 295 11.87 5.79 -9.73
CA VAL B 295 12.95 5.43 -10.63
C VAL B 295 12.43 5.13 -12.03
N LEU B 296 12.77 6.02 -12.95
CA LEU B 296 12.35 5.88 -14.33
C LEU B 296 13.30 4.89 -14.99
N VAL B 297 12.75 3.94 -15.75
CA VAL B 297 13.53 2.83 -16.29
C VAL B 297 12.82 2.27 -17.51
N GLU B 298 13.58 1.85 -18.53
CA GLU B 298 12.97 1.17 -19.68
C GLU B 298 12.40 -0.19 -19.26
N LYS B 299 11.25 -0.56 -19.81
CA LYS B 299 10.61 -1.84 -19.49
C LYS B 299 11.56 -3.04 -19.56
N LYS B 300 12.42 -3.07 -20.58
CA LYS B 300 13.31 -4.21 -20.77
C LYS B 300 14.24 -4.41 -19.58
N ASN B 301 14.45 -3.35 -18.81
CA ASN B 301 15.36 -3.40 -17.66
C ASN B 301 14.67 -3.33 -16.31
N LYS B 302 13.35 -3.17 -16.32
CA LYS B 302 12.59 -3.03 -15.08
C LYS B 302 12.82 -4.17 -14.07
N GLN B 303 12.74 -5.41 -14.54
CA GLN B 303 12.92 -6.54 -13.64
C GLN B 303 14.30 -6.51 -12.98
N ALA B 304 15.35 -6.38 -13.79
CA ALA B 304 16.71 -6.39 -13.26
C ALA B 304 16.92 -5.26 -12.25
N VAL B 305 16.36 -4.10 -12.54
CA VAL B 305 16.56 -2.98 -11.64
C VAL B 305 15.84 -3.25 -10.31
N MET B 306 14.65 -3.84 -10.38
CA MET B 306 13.96 -4.20 -9.14
C MET B 306 14.73 -5.23 -8.33
N GLU B 307 15.42 -6.15 -9.01
CA GLU B 307 16.23 -7.13 -8.30
C GLU B 307 17.34 -6.44 -7.49
N GLN B 308 17.97 -5.44 -8.09
CA GLN B 308 18.97 -4.66 -7.35
C GLN B 308 18.38 -3.96 -6.13
N PHE B 309 17.18 -3.42 -6.25
CA PHE B 309 16.55 -2.77 -5.10
C PHE B 309 16.16 -3.77 -4.01
N LEU B 310 15.68 -4.94 -4.42
CA LEU B 310 15.24 -5.95 -3.45
C LEU B 310 16.37 -6.45 -2.56
N LYS B 311 17.61 -6.21 -3.00
CA LYS B 311 18.78 -6.55 -2.20
C LYS B 311 18.84 -5.76 -0.90
N VAL B 312 18.29 -4.54 -0.89
CA VAL B 312 18.36 -3.70 0.29
C VAL B 312 17.00 -3.16 0.78
N PHE B 313 15.96 -3.29 -0.04
CA PHE B 313 14.62 -2.85 0.36
C PHE B 313 13.62 -4.01 0.40
N ASP B 314 12.65 -3.90 1.29
CA ASP B 314 11.58 -4.89 1.40
C ASP B 314 10.78 -4.99 0.12
N GLU B 315 10.44 -6.21 -0.29
CA GLU B 315 9.65 -6.46 -1.49
C GLU B 315 8.38 -5.62 -1.49
N SER B 316 7.83 -5.40 -0.31
CA SER B 316 6.57 -4.68 -0.16
C SER B 316 6.71 -3.18 -0.43
N LYS B 317 7.95 -2.68 -0.47
CA LYS B 317 8.18 -1.25 -0.62
C LYS B 317 8.75 -0.91 -2.00
N ILE B 318 8.79 -1.90 -2.89
CA ILE B 318 9.26 -1.70 -4.26
C ILE B 318 8.09 -1.98 -5.19
N ILE B 319 7.53 -0.92 -5.77
CA ILE B 319 6.25 -1.01 -6.46
C ILE B 319 6.35 -0.41 -7.86
N ALA B 320 6.21 -1.24 -8.88
CA ALA B 320 6.39 -0.74 -10.25
C ALA B 320 5.08 -0.36 -10.93
N SER B 321 5.15 0.65 -11.82
CA SER B 321 4.01 1.03 -12.64
C SER B 321 4.44 1.25 -14.07
N ASP B 322 3.62 0.84 -15.02
CA ASP B 322 3.86 1.22 -16.40
C ASP B 322 3.45 2.67 -16.56
N ILE B 323 3.81 3.25 -17.70
CA ILE B 323 3.30 4.56 -18.07
C ILE B 323 2.09 4.34 -19.00
N ILE B 324 0.94 4.88 -18.63
CA ILE B 324 -0.29 4.64 -19.38
C ILE B 324 -0.37 5.59 -20.58
N SER B 325 -0.95 5.12 -21.69
CA SER B 325 -1.03 5.93 -22.92
C SER B 325 -2.30 6.80 -23.00
N SER B 326 -3.40 6.29 -22.46
CA SER B 326 -4.69 7.01 -22.50
C SER B 326 -4.77 8.05 -21.39
N GLY B 327 -5.67 9.02 -21.56
CA GLY B 327 -5.83 10.10 -20.58
C GLY B 327 -7.05 9.88 -19.70
N VAL B 328 -7.63 10.97 -19.24
CA VAL B 328 -8.75 10.88 -18.32
C VAL B 328 -9.91 10.16 -19.01
N GLU B 329 -10.72 9.44 -18.24
CA GLU B 329 -11.67 8.52 -18.87
C GLU B 329 -13.03 8.55 -18.20
N ILE B 330 -14.07 8.59 -19.03
CA ILE B 330 -15.42 8.49 -18.51
C ILE B 330 -15.71 7.05 -18.15
N ILE B 331 -16.27 6.86 -16.96
CA ILE B 331 -16.80 5.56 -16.54
C ILE B 331 -18.30 5.56 -16.78
N LYS B 332 -18.76 4.68 -17.65
CA LYS B 332 -20.15 4.72 -18.13
C LYS B 332 -21.08 3.77 -17.38
OAA FM0 C . 1.51 -15.35 13.16
OAB FM0 C . 5.78 -19.95 8.87
OAC FM0 C . 4.08 -18.04 9.37
OAD FM0 C . 1.70 -16.61 14.94
OAE FM0 C . 3.36 -13.50 12.67
OAF FM0 C . 7.93 -19.26 7.88
OAG FM0 C . 5.81 -18.53 6.86
OAH FM0 C . 4.81 -15.75 8.80
FAI FM0 C . 5.93 -12.54 13.64
CAJ FM0 C . 4.89 -13.03 14.31
CAK FM0 C . 4.63 -15.59 11.62
CAL FM0 C . 5.00 -15.11 13.00
CAM FM0 C . 3.26 -14.80 14.73
OAN FM0 C . 5.30 -16.67 11.11
OAO FM0 C . 6.51 -17.58 9.06
CAP FM0 C . 2.09 -15.63 14.26
CAQ FM0 C . 4.10 -14.10 13.66
PAR FM0 C . 6.51 -18.84 8.16
PAS FM0 C . 5.17 -17.01 9.56
PG AGS D . 3.94 -13.61 6.81
S1G AGS D . 2.08 -14.05 7.53
O2G AGS D . 4.81 -14.82 6.75
O3G AGS D . 4.69 -12.76 7.75
PB AGS D . 4.54 -11.59 5.14
O1B AGS D . 4.15 -11.06 3.79
O2B AGS D . 4.13 -10.57 6.23
O3B AGS D . 3.82 -12.93 5.39
PA AGS D . 6.73 -13.15 4.67
O1A AGS D . 8.17 -12.90 4.11
O2A AGS D . 6.81 -14.15 5.82
O3A AGS D . 6.13 -11.81 5.18
O5' AGS D . 5.78 -13.75 3.50
C5' AGS D . 5.81 -13.20 2.23
C4' AGS D . 5.65 -14.10 1.10
O4' AGS D . 4.30 -14.26 0.83
C3' AGS D . 6.24 -13.51 -0.10
O3' AGS D . 7.41 -14.20 -0.42
C2' AGS D . 5.29 -13.69 -1.14
O2' AGS D . 5.88 -14.43 -2.18
C1' AGS D . 4.21 -14.46 -0.55
N9 AGS D . 2.91 -14.04 -0.94
C8 AGS D . 2.27 -12.92 -0.56
N7 AGS D . 1.08 -12.89 -1.15
C5 AGS D . 0.94 -13.99 -1.92
C6 AGS D . -0.07 -14.48 -2.75
N6 AGS D . -1.28 -13.78 -2.93
N1 AGS D . 0.15 -15.65 -3.38
C2 AGS D . 1.28 -16.34 -3.25
N3 AGS D . 2.25 -15.88 -2.46
C4 AGS D . 2.11 -14.73 -1.79
OAA FM0 E . 5.02 19.05 -10.74
OAB FM0 E . -2.04 21.41 -5.68
OAC FM0 E . 0.41 19.23 -5.52
OAD FM0 E . 3.90 17.54 -9.62
OAE FM0 E . 4.51 17.11 -7.07
OAF FM0 E . -1.19 23.57 -4.85
OAG FM0 E . -0.82 22.92 -7.19
OAH FM0 E . 0.35 20.56 -7.59
FAI FM0 E . 6.38 18.01 -4.99
CAJ FM0 E . 6.53 17.84 -6.30
CAK FM0 E . 3.13 19.37 -6.67
CAL FM0 E . 4.65 19.40 -6.67
CAM FM0 E . 5.88 18.44 -8.58
OAN FM0 E . 2.48 20.50 -6.25
OAO FM0 E . 0.40 21.73 -5.39
CAP FM0 E . 4.89 18.34 -9.71
CAQ FM0 E . 5.38 18.19 -7.18
PAR FM0 E . -0.92 22.40 -5.78
PAS FM0 E . 0.90 20.50 -6.20
PG AGS F . -0.15 16.55 -4.43
S1G AGS F . -0.04 16.32 -6.46
O2G AGS F . -1.08 17.66 -4.07
O3G AGS F . 1.12 17.07 -3.89
PB AGS F . -1.56 15.23 -2.57
O1B AGS F . -2.83 15.88 -3.00
O2B AGS F . -1.83 13.78 -2.11
O3B AGS F . -0.56 15.21 -3.75
PA AGS F . -1.40 17.52 -1.08
O1A AGS F . -0.62 18.48 -1.97
O2A AGS F . -1.14 17.89 0.42
O3A AGS F . -0.92 16.06 -1.35
O5' AGS F . -2.98 17.64 -1.40
C5' AGS F . -3.85 16.68 -0.94
C4' AGS F . -5.28 16.99 -0.99
O4' AGS F . -5.88 16.23 -1.97
C3' AGS F . -5.92 16.60 0.28
O3' AGS F . -6.29 17.76 0.96
C2' AGS F . -7.08 15.89 -0.07
O2' AGS F . -8.20 16.48 0.51
C1' AGS F . -7.18 15.97 -1.52
N9 AGS F . -7.60 14.76 -2.15
C8 AGS F . -6.95 13.59 -2.18
N7 AGS F . -7.68 12.71 -2.87
C5 AGS F . -8.80 13.32 -3.29
C6 AGS F . -9.92 12.92 -4.03
N6 AGS F . -10.02 11.60 -4.53
N1 AGS F . -10.89 13.82 -4.27
C2 AGS F . -10.83 15.06 -3.83
N3 AGS F . -9.77 15.48 -3.11
C4 AGS F . -8.76 14.63 -2.84
#